data_2WPX
#
_entry.id   2WPX
#
_cell.length_a   151.985
_cell.length_b   70.093
_cell.length_c   106.287
_cell.angle_alpha   90.00
_cell.angle_beta   134.38
_cell.angle_gamma   90.00
#
_symmetry.space_group_name_H-M   'C 1 2 1'
#
loop_
_entity.id
_entity.type
_entity.pdbx_description
1 polymer ORF14
2 non-polymer 'ACETYL COENZYME *A'
3 non-polymer GLYCEROL
4 water water
#
_entity_poly.entity_id   1
_entity_poly.type   'polypeptide(L)'
_entity_poly.pdbx_seq_one_letter_code
;MNDTAGELEFVPLAANDDETVGQWLDLMALAAETGPRAAPPCNVDMVGSLRFAPPATALDDWVVRSGGRVVGALRLALPD
GAPTARVDQLLVHPGRRRRGIGRALWAHARELARKHDRTTLTATVVESLPSGPAQDPGPAAFAAAMGAHRSDIPAGTHQW
LDLDRHDPLADGVPAVPAGYSLVTWGTITPDEYAVPVSELELSLGAGPVDRAAQEVRTSYARQFETMRVGRGRRAYHTGA
VHDATGALAGYTSVSKTTGNPAYALQGMTVVHREHRGHALGTLLKLANLEYVLRHEPEVRLVETANAEDNHPMIAVNAAL
GFEPYDRWVFWTAEAGPSD
;
_entity_poly.pdbx_strand_id   A,B
#
loop_
_chem_comp.id
_chem_comp.type
_chem_comp.name
_chem_comp.formula
ACO non-polymer 'ACETYL COENZYME *A' 'C23 H38 N7 O17 P3 S'
GOL non-polymer GLYCEROL 'C3 H8 O3'
#
# COMPACT_ATOMS: atom_id res chain seq x y z
N ALA A 5 -2.74 32.69 26.48
CA ALA A 5 -2.34 32.18 27.81
C ALA A 5 -1.24 33.02 28.41
N GLY A 6 -0.67 33.90 27.58
CA GLY A 6 0.60 34.61 27.86
C GLY A 6 1.41 34.33 26.61
N GLU A 7 2.70 34.12 26.71
CA GLU A 7 3.48 33.88 25.50
C GLU A 7 3.23 32.51 24.87
N LEU A 8 2.70 32.49 23.67
CA LEU A 8 2.50 31.20 23.02
C LEU A 8 3.61 30.95 22.03
N GLU A 9 4.21 29.78 22.10
CA GLU A 9 5.22 29.36 21.15
C GLU A 9 4.61 28.38 20.10
N PHE A 10 4.73 28.72 18.82
CA PHE A 10 4.37 27.83 17.70
C PHE A 10 5.59 27.07 17.20
N VAL A 11 5.54 25.75 17.28
CA VAL A 11 6.63 24.89 16.86
C VAL A 11 6.01 23.85 15.90
N PRO A 12 6.68 23.58 14.77
CA PRO A 12 6.14 22.55 13.90
C PRO A 12 6.04 21.20 14.64
N LEU A 13 5.04 20.42 14.26
CA LEU A 13 4.85 19.07 14.72
C LEU A 13 5.45 18.08 13.68
N ALA A 14 6.58 17.48 14.01
CA ALA A 14 7.33 16.59 13.14
C ALA A 14 7.39 15.23 13.84
N ALA A 15 7.29 14.16 13.05
CA ALA A 15 7.13 12.83 13.63
C ALA A 15 8.38 12.27 14.29
N ASN A 16 9.54 12.81 13.95
CA ASN A 16 10.80 12.40 14.57
C ASN A 16 11.03 13.05 15.94
N ASP A 17 10.19 14.01 16.30
CA ASP A 17 10.32 14.70 17.55
C ASP A 17 9.49 13.95 18.61
N ASP A 18 10.05 12.91 19.20
CA ASP A 18 9.27 12.04 20.08
C ASP A 18 8.62 12.77 21.25
N GLU A 19 9.34 13.70 21.85
CA GLU A 19 8.82 14.46 22.98
C GLU A 19 7.59 15.25 22.62
N THR A 20 7.67 16.06 21.55
CA THR A 20 6.52 16.80 21.02
C THR A 20 5.39 15.88 20.50
N VAL A 21 5.72 14.81 19.76
CA VAL A 21 4.65 13.89 19.36
C VAL A 21 3.91 13.28 20.54
N GLY A 22 4.67 12.81 21.54
CA GLY A 22 4.10 12.26 22.78
C GLY A 22 3.09 13.18 23.47
N GLN A 23 3.49 14.44 23.64
CA GLN A 23 2.56 15.49 24.12
C GLN A 23 1.34 15.71 23.27
N TRP A 24 1.50 15.71 21.98
CA TRP A 24 0.35 15.85 21.07
C TRP A 24 -0.62 14.65 21.22
N LEU A 25 -0.05 13.46 21.29
CA LEU A 25 -0.83 12.22 21.47
C LEU A 25 -1.64 12.36 22.77
N ASP A 26 -0.95 12.78 23.86
CA ASP A 26 -1.61 13.05 25.12
C ASP A 26 -2.66 14.15 25.11
N LEU A 27 -2.37 15.27 24.47
CA LEU A 27 -3.38 16.28 24.33
C LEU A 27 -4.64 15.68 23.72
N MET A 28 -4.49 14.83 22.71
CA MET A 28 -5.65 14.28 22.04
C MET A 28 -6.40 13.31 22.95
N ALA A 29 -5.69 12.36 23.54
CA ALA A 29 -6.29 11.39 24.47
C ALA A 29 -7.08 12.11 25.57
N LEU A 30 -6.52 13.18 26.11
CA LEU A 30 -7.23 13.94 27.14
C LEU A 30 -8.43 14.73 26.61
N ALA A 31 -8.31 15.40 25.47
CA ALA A 31 -9.48 16.16 24.93
C ALA A 31 -10.60 15.23 24.51
N ALA A 32 -10.26 14.01 24.07
CA ALA A 32 -11.30 13.05 23.68
C ALA A 32 -12.14 12.55 24.87
N GLU A 33 -11.68 12.70 26.10
CA GLU A 33 -12.54 12.34 27.25
C GLU A 33 -13.77 13.22 27.32
N THR A 34 -13.65 14.47 26.87
CA THR A 34 -14.83 15.33 26.91
C THR A 34 -15.31 15.84 25.57
N GLY A 35 -14.81 15.29 24.49
CA GLY A 35 -15.23 15.76 23.17
C GLY A 35 -16.47 15.05 22.66
N PRO A 36 -16.65 15.02 21.33
CA PRO A 36 -17.77 14.30 20.69
C PRO A 36 -17.65 12.79 20.90
N ARG A 37 -18.78 12.10 20.93
CA ARG A 37 -18.73 10.66 20.91
C ARG A 37 -17.70 10.23 19.85
N ALA A 38 -16.73 9.43 20.23
CA ALA A 38 -15.71 9.07 19.27
C ALA A 38 -14.91 7.87 19.70
N ALA A 39 -14.34 7.15 18.72
CA ALA A 39 -13.35 6.15 19.09
C ALA A 39 -12.15 6.95 19.62
N PRO A 40 -11.55 6.52 20.74
CA PRO A 40 -10.25 7.09 21.21
C PRO A 40 -9.24 7.13 20.06
N PRO A 41 -8.37 8.12 20.09
CA PRO A 41 -7.33 8.26 19.08
C PRO A 41 -6.46 7.06 19.20
N CYS A 42 -6.14 6.45 18.07
CA CYS A 42 -5.13 5.40 17.99
C CYS A 42 -3.78 6.04 17.63
N ASN A 43 -2.82 5.87 18.52
CA ASN A 43 -1.47 6.41 18.35
C ASN A 43 -0.74 5.96 17.11
N VAL A 44 -0.90 4.70 16.75
CA VAL A 44 -0.42 4.23 15.45
C VAL A 44 -1.01 5.03 14.30
N ASP A 45 -2.35 5.08 14.26
CA ASP A 45 -3.06 5.92 13.28
C ASP A 45 -2.53 7.36 13.28
N MET A 46 -2.49 7.97 14.47
CA MET A 46 -2.14 9.40 14.52
C MET A 46 -0.72 9.71 14.05
N VAL A 47 0.23 8.93 14.55
CA VAL A 47 1.61 9.16 14.26
C VAL A 47 1.83 8.87 12.79
N GLY A 48 1.17 7.86 12.26
CA GLY A 48 1.30 7.61 10.85
C GLY A 48 0.63 8.72 10.09
N SER A 49 -0.37 9.38 10.69
CA SER A 49 -1.02 10.49 9.98
C SER A 49 -0.07 11.70 9.78
N LEU A 50 1.08 11.70 10.43
CA LEU A 50 2.05 12.77 10.23
C LEU A 50 3.01 12.42 9.11
N ARG A 51 3.15 11.11 8.82
CA ARG A 51 4.17 10.65 7.92
C ARG A 51 3.62 10.38 6.50
N PHE A 52 2.33 10.03 6.48
CA PHE A 52 1.67 9.50 5.29
C PHE A 52 0.41 10.25 5.04
N ALA A 53 0.47 11.16 4.07
CA ALA A 53 -0.63 11.99 3.80
C ALA A 53 -1.43 11.38 2.67
N PRO A 54 -2.67 11.87 2.52
CA PRO A 54 -3.52 11.42 1.43
C PRO A 54 -2.94 11.95 0.16
N PRO A 55 -3.37 11.34 -0.94
CA PRO A 55 -2.90 11.61 -2.23
C PRO A 55 -2.90 13.09 -2.59
N ALA A 56 -1.84 13.47 -3.27
CA ALA A 56 -1.69 14.81 -3.79
C ALA A 56 -2.08 15.79 -2.71
N THR A 57 -1.63 15.55 -1.49
CA THR A 57 -1.89 16.58 -0.54
C THR A 57 -0.69 16.78 0.37
N ALA A 58 -0.42 18.04 0.68
CA ALA A 58 0.66 18.39 1.61
C ALA A 58 0.05 18.58 2.98
N LEU A 59 0.84 18.37 4.04
CA LEU A 59 0.44 18.70 5.43
C LEU A 59 1.31 19.79 6.00
N ASP A 60 0.73 20.61 6.87
CA ASP A 60 1.48 21.66 7.53
C ASP A 60 0.99 21.57 9.01
N ASP A 61 1.72 20.81 9.84
CA ASP A 61 1.25 20.47 11.20
C ASP A 61 1.97 21.26 12.29
N TRP A 62 1.21 21.81 13.22
CA TRP A 62 1.82 22.59 14.28
C TRP A 62 1.28 22.25 15.67
N VAL A 63 2.10 22.47 16.68
CA VAL A 63 1.59 22.58 18.04
C VAL A 63 1.82 23.96 18.61
N VAL A 64 1.11 24.26 19.70
CA VAL A 64 1.38 25.51 20.40
C VAL A 64 1.77 25.20 21.86
N ARG A 65 2.82 25.85 22.33
CA ARG A 65 3.30 25.59 23.67
C ARG A 65 3.16 26.79 24.60
N SER A 66 2.89 26.46 25.86
CA SER A 66 2.80 27.50 26.86
C SER A 66 3.60 27.00 28.06
N GLY A 67 4.61 27.78 28.43
CA GLY A 67 5.52 27.37 29.49
C GLY A 67 6.16 26.05 29.12
N GLY A 68 6.54 25.90 27.86
CA GLY A 68 7.21 24.69 27.44
C GLY A 68 6.35 23.45 27.26
N ARG A 69 5.04 23.54 27.52
CA ARG A 69 4.19 22.37 27.20
C ARG A 69 3.15 22.66 26.14
N VAL A 70 2.82 21.62 25.40
CA VAL A 70 1.84 21.71 24.33
C VAL A 70 0.49 22.00 24.96
N VAL A 71 -0.18 23.03 24.48
CA VAL A 71 -1.49 23.29 24.95
C VAL A 71 -2.47 23.38 23.82
N GLY A 72 -2.01 23.09 22.60
CA GLY A 72 -2.94 23.04 21.45
C GLY A 72 -2.23 22.63 20.18
N ALA A 73 -2.99 22.43 19.12
CA ALA A 73 -2.42 21.87 17.92
C ALA A 73 -3.24 22.40 16.76
N LEU A 74 -2.58 22.69 15.67
CA LEU A 74 -3.26 23.07 14.44
C LEU A 74 -2.77 22.21 13.28
N ARG A 75 -3.65 21.61 12.51
CA ARG A 75 -3.18 20.81 11.37
C ARG A 75 -3.92 21.28 10.12
N LEU A 76 -3.17 21.63 9.08
CA LEU A 76 -3.76 21.96 7.80
C LEU A 76 -3.50 20.90 6.79
N ALA A 77 -4.46 20.68 5.92
CA ALA A 77 -4.21 19.80 4.75
C ALA A 77 -4.33 20.68 3.55
N LEU A 78 -3.34 20.61 2.67
CA LEU A 78 -3.34 21.46 1.49
C LEU A 78 -3.46 20.60 0.26
N PRO A 79 -4.65 20.57 -0.34
CA PRO A 79 -4.78 19.83 -1.61
C PRO A 79 -3.91 20.46 -2.71
N ASP A 80 -3.03 19.69 -3.33
CA ASP A 80 -2.18 20.25 -4.40
C ASP A 80 -3.02 21.00 -5.42
N GLY A 81 -2.56 22.17 -5.88
CA GLY A 81 -3.19 22.87 -7.02
C GLY A 81 -4.53 23.53 -6.70
N ALA A 82 -4.95 23.52 -5.44
CA ALA A 82 -6.26 24.04 -5.10
C ALA A 82 -6.12 25.31 -4.28
N PRO A 83 -7.11 26.16 -4.35
CA PRO A 83 -7.13 27.45 -3.65
C PRO A 83 -7.59 27.32 -2.17
N THR A 84 -7.72 26.10 -1.69
CA THR A 84 -8.25 25.84 -0.36
C THR A 84 -7.22 25.34 0.65
N ALA A 85 -7.44 25.67 1.91
CA ALA A 85 -6.71 25.03 2.98
C ALA A 85 -7.71 24.50 3.98
N ARG A 86 -7.61 23.20 4.27
CA ARG A 86 -8.55 22.54 5.12
C ARG A 86 -8.00 22.34 6.56
N VAL A 87 -8.81 22.70 7.54
CA VAL A 87 -8.39 22.52 8.93
C VAL A 87 -8.65 21.12 9.39
N ASP A 88 -7.61 20.28 9.43
CA ASP A 88 -7.88 18.89 9.79
C ASP A 88 -7.88 18.75 11.30
N GLN A 89 -7.31 19.73 12.00
CA GLN A 89 -7.30 19.74 13.43
C GLN A 89 -7.07 21.13 13.98
N LEU A 90 -7.95 21.57 14.88
CA LEU A 90 -7.70 22.76 15.67
C LEU A 90 -8.18 22.46 17.09
N LEU A 91 -7.26 22.20 18.01
CA LEU A 91 -7.59 21.63 19.31
C LEU A 91 -6.87 22.39 20.47
N VAL A 92 -7.62 22.71 21.52
CA VAL A 92 -7.05 23.45 22.64
C VAL A 92 -7.25 22.56 23.87
N HIS A 93 -6.19 22.41 24.67
CA HIS A 93 -6.23 21.61 25.89
C HIS A 93 -7.44 22.03 26.74
N PRO A 94 -8.28 21.06 27.12
CA PRO A 94 -9.55 21.22 27.83
C PRO A 94 -9.40 22.03 29.07
N GLY A 95 -8.18 22.09 29.60
CA GLY A 95 -7.86 22.83 30.82
C GLY A 95 -7.48 24.26 30.54
N ARG A 96 -7.26 24.61 29.27
CA ARG A 96 -6.78 25.98 28.93
C ARG A 96 -7.66 26.70 27.93
N ARG A 97 -8.94 26.35 27.95
CA ARG A 97 -9.95 26.92 27.02
C ARG A 97 -10.51 28.28 27.43
N ARG A 98 -10.97 29.06 26.47
CA ARG A 98 -11.47 30.40 26.75
C ARG A 98 -10.39 31.37 27.26
N ARG A 99 -9.22 31.32 26.66
CA ARG A 99 -8.08 32.04 27.13
C ARG A 99 -7.43 32.68 25.86
N GLY A 100 -8.03 32.42 24.71
CA GLY A 100 -7.55 33.03 23.45
C GLY A 100 -6.63 32.15 22.59
N ILE A 101 -6.36 30.91 23.06
CA ILE A 101 -5.44 29.99 22.41
C ILE A 101 -6.03 29.54 21.05
N GLY A 102 -7.29 29.16 21.06
CA GLY A 102 -7.97 28.82 19.80
C GLY A 102 -7.90 30.00 18.83
N ARG A 103 -8.19 31.20 19.34
CA ARG A 103 -8.13 32.37 18.48
C ARG A 103 -6.75 32.50 17.83
N ALA A 104 -5.72 32.42 18.65
CA ALA A 104 -4.36 32.50 18.17
C ALA A 104 -4.09 31.35 17.14
N LEU A 105 -4.70 30.18 17.32
CA LEU A 105 -4.48 29.07 16.39
C LEU A 105 -5.09 29.36 15.02
N TRP A 106 -6.26 29.97 15.07
CA TRP A 106 -6.96 30.35 13.89
C TRP A 106 -6.21 31.46 13.15
N ALA A 107 -5.64 32.39 13.89
CA ALA A 107 -4.87 33.46 13.27
C ALA A 107 -3.62 32.88 12.61
N HIS A 108 -3.02 31.89 13.25
CA HIS A 108 -1.88 31.19 12.67
C HIS A 108 -2.35 30.40 11.42
N ALA A 109 -3.48 29.72 11.54
CA ALA A 109 -4.15 29.07 10.35
C ALA A 109 -4.30 29.98 9.11
N ARG A 110 -4.91 31.13 9.24
CA ARG A 110 -4.99 32.10 8.15
C ARG A 110 -3.66 32.55 7.58
N GLU A 111 -2.68 32.72 8.45
CA GLU A 111 -1.30 32.99 8.02
C GLU A 111 -0.67 31.80 7.20
N LEU A 112 -0.87 30.56 7.65
CA LEU A 112 -0.33 29.37 6.94
C LEU A 112 -1.04 29.21 5.58
N ALA A 113 -2.35 29.43 5.56
CA ALA A 113 -3.09 29.38 4.29
C ALA A 113 -2.56 30.39 3.31
N ARG A 114 -2.27 31.58 3.82
CA ARG A 114 -1.76 32.66 3.01
C ARG A 114 -0.34 32.34 2.50
N LYS A 115 0.48 31.72 3.34
CA LYS A 115 1.84 31.36 2.93
C LYS A 115 1.80 30.36 1.75
N HIS A 116 0.78 29.50 1.77
CA HIS A 116 0.56 28.48 0.76
C HIS A 116 -0.36 28.94 -0.40
N ASP A 117 -0.63 30.24 -0.50
CA ASP A 117 -1.45 30.83 -1.59
C ASP A 117 -2.89 30.35 -1.61
N ARG A 118 -3.41 30.00 -0.44
CA ARG A 118 -4.80 29.57 -0.33
C ARG A 118 -5.61 30.79 0.05
N THR A 119 -6.69 30.96 -0.68
CA THR A 119 -7.64 32.03 -0.46
C THR A 119 -8.64 31.68 0.67
N THR A 120 -8.88 30.39 0.88
CA THR A 120 -10.03 29.93 1.67
C THR A 120 -9.62 28.86 2.70
N LEU A 121 -10.17 28.99 3.90
CA LEU A 121 -9.93 28.01 4.96
C LEU A 121 -11.27 27.29 5.14
N THR A 122 -11.25 25.95 5.20
CA THR A 122 -12.50 25.20 5.37
C THR A 122 -12.38 24.26 6.52
N ALA A 123 -13.53 23.87 7.03
CA ALA A 123 -13.59 23.21 8.29
C ALA A 123 -14.85 22.39 8.43
N THR A 124 -14.73 21.25 9.09
CA THR A 124 -15.85 20.47 9.53
C THR A 124 -16.14 20.69 11.04
N VAL A 125 -17.36 21.08 11.36
CA VAL A 125 -17.66 21.42 12.72
C VAL A 125 -18.68 20.47 13.23
N VAL A 126 -18.49 19.99 14.46
CA VAL A 126 -19.50 19.15 15.02
C VAL A 126 -20.70 19.84 15.70
N GLU A 127 -21.91 19.54 15.24
CA GLU A 127 -23.09 20.25 15.67
C GLU A 127 -24.16 19.24 15.99
N SER A 128 -25.29 19.70 16.54
CA SER A 128 -26.46 18.86 16.81
C SER A 128 -27.37 18.56 15.63
N LEU A 129 -27.99 17.39 15.74
CA LEU A 129 -29.05 16.99 14.82
C LEU A 129 -30.36 17.51 15.32
N PRO A 130 -31.30 17.74 14.42
CA PRO A 130 -32.60 18.11 14.94
C PRO A 130 -33.11 17.01 15.85
N SER A 131 -32.98 15.77 15.41
CA SER A 131 -33.40 14.67 16.27
C SER A 131 -32.57 14.64 17.57
N GLY A 132 -31.24 14.60 17.36
CA GLY A 132 -30.34 13.90 18.26
C GLY A 132 -29.96 14.52 19.58
N PRO A 133 -29.08 13.82 20.31
CA PRO A 133 -28.45 14.27 21.55
C PRO A 133 -27.79 15.63 21.33
N ALA A 134 -28.12 16.54 22.24
CA ALA A 134 -27.71 17.92 22.10
C ALA A 134 -26.19 17.92 22.24
N GLN A 135 -25.57 18.69 21.37
CA GLN A 135 -24.12 18.61 21.25
C GLN A 135 -23.49 19.90 21.82
N ASP A 136 -22.20 19.85 22.18
CA ASP A 136 -21.50 21.07 22.55
C ASP A 136 -21.57 22.17 21.47
N PRO A 137 -22.18 23.31 21.78
CA PRO A 137 -22.31 24.41 20.81
C PRO A 137 -21.01 25.29 20.65
N GLY A 138 -20.00 25.00 21.49
CA GLY A 138 -18.68 25.67 21.43
C GLY A 138 -18.07 25.81 20.05
N PRO A 139 -17.76 24.69 19.41
CA PRO A 139 -17.08 24.78 18.10
C PRO A 139 -17.77 25.75 17.11
N ALA A 140 -19.07 25.62 16.96
CA ALA A 140 -19.81 26.48 16.04
C ALA A 140 -19.79 27.94 16.54
N ALA A 141 -19.89 28.13 17.87
CA ALA A 141 -19.82 29.49 18.42
C ALA A 141 -18.39 30.07 18.24
N PHE A 142 -17.38 29.25 18.41
CA PHE A 142 -16.01 29.61 18.02
C PHE A 142 -15.88 29.90 16.53
N ALA A 143 -16.35 29.01 15.67
CA ALA A 143 -16.16 29.21 14.24
C ALA A 143 -16.84 30.53 13.79
N ALA A 144 -18.07 30.79 14.28
CA ALA A 144 -18.71 32.10 14.01
C ALA A 144 -17.88 33.27 14.52
N ALA A 145 -17.23 33.05 15.66
CA ALA A 145 -16.53 34.13 16.31
C ALA A 145 -15.24 34.44 15.56
N MET A 146 -14.63 33.43 14.92
CA MET A 146 -13.47 33.61 14.04
C MET A 146 -13.82 34.24 12.69
N GLY A 147 -15.11 34.42 12.38
CA GLY A 147 -15.55 35.04 11.12
C GLY A 147 -15.80 34.03 9.97
N ALA A 148 -15.91 32.74 10.29
CA ALA A 148 -16.26 31.72 9.31
C ALA A 148 -17.80 31.73 9.20
N HIS A 149 -18.30 31.15 8.10
CA HIS A 149 -19.73 30.96 7.87
C HIS A 149 -20.00 29.51 7.46
N ARG A 150 -21.22 29.05 7.71
CA ARG A 150 -21.64 27.73 7.24
C ARG A 150 -21.78 27.76 5.71
N SER A 151 -21.26 26.74 5.03
CA SER A 151 -21.38 26.59 3.57
C SER A 151 -22.75 26.12 3.21
N ASP A 152 -23.23 26.53 2.07
CA ASP A 152 -24.54 26.02 1.64
C ASP A 152 -24.40 24.69 0.90
N ILE A 153 -23.96 23.67 1.62
CA ILE A 153 -23.98 22.31 1.11
C ILE A 153 -24.49 21.38 2.23
N PRO A 154 -24.96 20.20 1.83
CA PRO A 154 -25.45 19.18 2.71
C PRO A 154 -24.43 18.92 3.77
N ALA A 155 -24.83 19.00 5.02
CA ALA A 155 -24.05 18.50 6.11
C ALA A 155 -24.04 16.95 6.15
N GLY A 156 -23.14 16.40 6.97
CA GLY A 156 -23.06 14.95 7.10
C GLY A 156 -23.87 14.50 8.28
N THR A 157 -24.61 13.41 8.14
CA THR A 157 -25.22 12.80 9.31
C THR A 157 -24.36 11.65 9.80
N HIS A 158 -23.89 11.79 11.03
CA HIS A 158 -22.89 10.87 11.57
C HIS A 158 -23.59 9.85 12.44
N GLN A 159 -23.47 8.56 12.14
CA GLN A 159 -24.37 7.59 12.75
C GLN A 159 -23.64 6.49 13.51
N TRP A 160 -24.28 5.89 14.50
CA TRP A 160 -23.66 4.81 15.23
C TRP A 160 -24.53 3.58 15.27
N LEU A 161 -23.87 2.44 15.11
CA LEU A 161 -24.50 1.15 15.34
C LEU A 161 -23.76 0.48 16.48
N ASP A 162 -24.53 0.10 17.49
CA ASP A 162 -24.01 -0.59 18.61
C ASP A 162 -24.61 -1.98 18.62
N LEU A 163 -23.79 -2.94 18.23
CA LEU A 163 -24.17 -4.31 18.13
C LEU A 163 -24.67 -4.93 19.45
N ASP A 164 -24.33 -4.35 20.60
CA ASP A 164 -24.91 -4.81 21.87
C ASP A 164 -26.33 -4.31 22.08
N ARG A 165 -26.75 -3.36 21.25
CA ARG A 165 -28.11 -2.85 21.34
C ARG A 165 -28.95 -3.48 20.22
N HIS A 166 -28.37 -3.71 19.06
CA HIS A 166 -29.17 -4.21 17.95
C HIS A 166 -28.30 -5.08 17.07
N ASP A 167 -28.70 -6.31 16.80
CA ASP A 167 -27.89 -7.16 15.93
C ASP A 167 -28.40 -7.23 14.49
N PRO A 168 -27.80 -6.49 13.54
CA PRO A 168 -28.43 -6.55 12.22
C PRO A 168 -28.29 -7.92 11.56
N LEU A 169 -27.47 -8.79 12.13
CA LEU A 169 -27.26 -10.02 11.42
C LEU A 169 -28.05 -11.13 12.14
N ALA A 170 -28.96 -10.76 13.03
CA ALA A 170 -29.73 -11.81 13.75
C ALA A 170 -30.53 -12.71 12.78
N ASP A 171 -30.98 -12.19 11.61
CA ASP A 171 -31.65 -13.05 10.58
C ASP A 171 -30.71 -13.32 9.41
N GLY A 172 -29.43 -13.52 9.69
CA GLY A 172 -28.45 -13.88 8.67
C GLY A 172 -28.28 -12.85 7.58
N VAL A 173 -27.65 -13.24 6.49
CA VAL A 173 -27.46 -12.36 5.35
C VAL A 173 -28.49 -12.76 4.28
N PRO A 174 -29.08 -11.78 3.61
CA PRO A 174 -30.10 -12.00 2.57
C PRO A 174 -29.44 -12.71 1.37
N ALA A 175 -30.30 -13.33 0.54
CA ALA A 175 -29.87 -14.03 -0.68
C ALA A 175 -29.35 -13.04 -1.71
N VAL A 176 -28.35 -13.47 -2.45
CA VAL A 176 -27.86 -12.77 -3.62
C VAL A 176 -28.83 -12.92 -4.79
N PRO A 177 -29.23 -11.79 -5.37
CA PRO A 177 -30.18 -11.82 -6.48
C PRO A 177 -29.61 -12.55 -7.70
N ALA A 178 -30.49 -13.20 -8.48
CA ALA A 178 -30.10 -13.93 -9.68
C ALA A 178 -29.37 -12.98 -10.59
N GLY A 179 -28.34 -13.48 -11.23
CA GLY A 179 -27.50 -12.62 -12.07
C GLY A 179 -26.30 -12.05 -11.34
N TYR A 180 -26.28 -12.14 -10.00
CA TYR A 180 -25.16 -11.51 -9.23
C TYR A 180 -24.25 -12.47 -8.47
N SER A 181 -23.01 -12.06 -8.19
CA SER A 181 -22.29 -12.80 -7.15
C SER A 181 -21.48 -11.89 -6.24
N LEU A 182 -21.35 -12.33 -4.99
CA LEU A 182 -20.62 -11.58 -3.99
C LEU A 182 -19.15 -11.88 -4.10
N VAL A 183 -18.31 -10.85 -4.09
CA VAL A 183 -16.84 -11.03 -3.89
C VAL A 183 -16.35 -10.22 -2.65
N THR A 184 -15.27 -10.67 -2.03
CA THR A 184 -14.68 -9.98 -0.86
C THR A 184 -13.19 -9.85 -1.05
N TRP A 185 -12.60 -8.80 -0.48
CA TRP A 185 -11.15 -8.66 -0.43
C TRP A 185 -10.74 -7.73 0.74
N GLY A 186 -9.48 -7.87 1.16
CA GLY A 186 -8.95 -7.22 2.37
C GLY A 186 -8.50 -5.80 2.09
N THR A 187 -7.31 -5.45 2.58
CA THR A 187 -6.86 -4.09 2.62
C THR A 187 -6.47 -3.62 1.25
N ILE A 188 -5.94 -4.52 0.43
CA ILE A 188 -5.48 -4.12 -0.88
C ILE A 188 -6.49 -4.64 -1.88
N THR A 189 -6.90 -3.76 -2.79
CA THR A 189 -7.87 -4.12 -3.84
C THR A 189 -7.25 -4.89 -5.02
N PRO A 190 -7.73 -6.09 -5.30
CA PRO A 190 -7.18 -6.80 -6.49
C PRO A 190 -7.23 -5.88 -7.75
N ASP A 191 -6.17 -5.88 -8.55
CA ASP A 191 -6.15 -5.19 -9.85
C ASP A 191 -7.49 -5.30 -10.60
N GLU A 192 -8.09 -6.48 -10.59
CA GLU A 192 -9.30 -6.76 -11.30
C GLU A 192 -10.42 -5.76 -10.99
N TYR A 193 -10.49 -5.30 -9.73
CA TYR A 193 -11.60 -4.45 -9.28
C TYR A 193 -11.30 -3.00 -9.07
N ALA A 194 -10.07 -2.61 -9.35
CA ALA A 194 -9.62 -1.26 -9.12
C ALA A 194 -10.28 -0.29 -10.08
N VAL A 195 -10.15 -0.55 -11.38
CA VAL A 195 -10.80 0.38 -12.33
C VAL A 195 -12.35 0.35 -12.19
N PRO A 196 -12.95 -0.84 -12.00
CA PRO A 196 -14.40 -0.91 -11.82
C PRO A 196 -14.87 -0.12 -10.57
N VAL A 197 -14.10 -0.19 -9.48
CA VAL A 197 -14.35 0.61 -8.33
C VAL A 197 -14.32 2.10 -8.66
N SER A 198 -13.38 2.51 -9.52
CA SER A 198 -13.31 3.92 -9.72
C SER A 198 -14.42 4.39 -10.66
N GLU A 199 -14.89 3.53 -11.56
CA GLU A 199 -15.94 3.94 -12.47
C GLU A 199 -17.31 3.90 -11.75
N LEU A 200 -17.32 3.39 -10.53
CA LEU A 200 -18.51 3.50 -9.71
C LEU A 200 -18.50 4.85 -8.98
N GLU A 201 -18.06 5.95 -9.63
CA GLU A 201 -18.45 7.32 -9.19
C GLU A 201 -19.37 7.88 -10.23
N LEU A 202 -19.94 7.00 -11.05
CA LEU A 202 -20.86 7.42 -12.09
C LEU A 202 -22.23 7.72 -11.49
N ARG A 211 -21.54 13.84 -26.02
CA ARG A 211 -20.66 13.37 -24.96
C ARG A 211 -19.26 13.36 -25.52
N ALA A 212 -18.34 12.82 -24.72
CA ALA A 212 -17.16 12.10 -25.21
C ALA A 212 -15.88 12.93 -25.38
N ALA A 213 -16.00 14.22 -25.66
CA ALA A 213 -14.86 15.10 -25.47
C ALA A 213 -14.81 15.54 -23.97
N GLN A 214 -13.90 14.93 -23.20
CA GLN A 214 -13.70 15.24 -21.77
C GLN A 214 -12.24 15.67 -21.43
N GLU A 215 -11.96 15.88 -20.14
CA GLU A 215 -10.71 16.44 -19.72
C GLU A 215 -10.29 15.83 -18.39
N VAL A 216 -11.24 15.31 -17.63
CA VAL A 216 -10.93 14.75 -16.31
C VAL A 216 -11.28 13.28 -16.23
N ARG A 217 -10.51 12.62 -15.38
CA ARG A 217 -10.47 11.19 -15.34
C ARG A 217 -10.58 10.80 -13.89
N THR A 218 -11.24 9.67 -13.62
CA THR A 218 -11.21 9.12 -12.27
C THR A 218 -10.27 7.93 -12.22
N SER A 219 -9.66 7.68 -11.08
CA SER A 219 -8.79 6.53 -11.03
C SER A 219 -8.67 6.04 -9.60
N TYR A 220 -8.25 4.80 -9.45
CA TYR A 220 -8.10 4.22 -8.17
C TYR A 220 -6.72 4.69 -7.70
N ALA A 221 -6.63 5.21 -6.47
CA ALA A 221 -5.42 5.79 -5.96
C ALA A 221 -4.83 4.88 -4.90
N ARG A 222 -3.81 4.14 -5.30
CA ARG A 222 -3.12 3.24 -4.47
C ARG A 222 -2.53 3.90 -3.24
N GLN A 223 -2.35 5.22 -3.31
CA GLN A 223 -1.75 5.93 -2.21
C GLN A 223 -2.70 6.00 -1.01
N PHE A 224 -4.00 5.94 -1.28
CA PHE A 224 -4.99 5.79 -0.23
C PHE A 224 -4.72 4.53 0.57
N GLU A 225 -4.57 3.41 -0.15
CA GLU A 225 -4.22 2.15 0.49
C GLU A 225 -2.90 2.23 1.26
N THR A 226 -1.86 2.84 0.66
CA THR A 226 -0.57 2.91 1.35
C THR A 226 -0.62 3.83 2.58
N MET A 227 -1.40 4.91 2.50
CA MET A 227 -1.60 5.83 3.61
C MET A 227 -2.22 5.08 4.83
N ARG A 228 -3.25 4.30 4.54
CA ARG A 228 -3.92 3.44 5.48
C ARG A 228 -2.99 2.45 6.17
N VAL A 229 -2.20 1.76 5.38
CA VAL A 229 -1.32 0.74 5.90
C VAL A 229 -0.31 1.41 6.78
N GLY A 230 0.21 2.57 6.36
CA GLY A 230 1.17 3.31 7.18
C GLY A 230 0.56 3.78 8.49
N ARG A 231 -0.74 4.04 8.44
CA ARG A 231 -1.44 4.41 9.65
C ARG A 231 -1.92 3.16 10.44
N GLY A 232 -1.54 1.96 10.01
CA GLY A 232 -1.91 0.75 10.74
C GLY A 232 -3.38 0.37 10.59
N ARG A 233 -4.05 0.98 9.59
CA ARG A 233 -5.44 0.69 9.32
C ARG A 233 -5.57 -0.51 8.37
N ARG A 234 -6.54 -1.36 8.69
CA ARG A 234 -6.87 -2.55 7.95
C ARG A 234 -8.25 -2.31 7.30
N ALA A 235 -8.55 -2.95 6.17
CA ALA A 235 -9.86 -2.72 5.56
C ALA A 235 -10.55 -4.00 5.09
N TYR A 236 -11.87 -3.94 4.94
CA TYR A 236 -12.63 -5.14 4.56
C TYR A 236 -13.62 -4.75 3.46
N HIS A 237 -13.59 -5.49 2.34
CA HIS A 237 -14.40 -5.15 1.16
C HIS A 237 -15.30 -6.30 0.71
N THR A 238 -16.54 -5.97 0.38
CA THR A 238 -17.44 -6.85 -0.32
C THR A 238 -17.93 -6.14 -1.57
N GLY A 239 -17.94 -6.85 -2.68
CA GLY A 239 -18.38 -6.31 -3.96
C GLY A 239 -19.44 -7.18 -4.60
N ALA A 240 -20.29 -6.57 -5.42
CA ALA A 240 -21.29 -7.38 -6.09
C ALA A 240 -20.98 -7.32 -7.57
N VAL A 241 -20.86 -8.49 -8.20
CA VAL A 241 -20.60 -8.51 -9.62
C VAL A 241 -21.82 -8.91 -10.39
N HIS A 242 -22.11 -8.22 -11.49
CA HIS A 242 -23.17 -8.64 -12.40
C HIS A 242 -22.66 -9.62 -13.45
N ASP A 243 -22.98 -10.92 -13.30
CA ASP A 243 -22.35 -11.96 -14.13
C ASP A 243 -22.47 -11.71 -15.65
N ALA A 244 -23.62 -11.27 -16.11
CA ALA A 244 -23.80 -11.24 -17.55
C ALA A 244 -22.86 -10.23 -18.23
N THR A 245 -22.52 -9.15 -17.53
CA THR A 245 -21.74 -8.08 -18.10
C THR A 245 -20.36 -7.92 -17.41
N GLY A 246 -20.16 -8.67 -16.33
CA GLY A 246 -19.01 -8.43 -15.38
C GLY A 246 -18.79 -7.05 -14.76
N ALA A 247 -19.71 -6.13 -14.90
CA ALA A 247 -19.54 -4.86 -14.24
C ALA A 247 -19.67 -5.12 -12.75
N LEU A 248 -18.88 -4.34 -12.00
CA LEU A 248 -19.01 -4.24 -10.57
C LEU A 248 -20.22 -3.40 -10.24
N ALA A 249 -21.29 -4.08 -9.82
CA ALA A 249 -22.59 -3.50 -9.65
C ALA A 249 -22.64 -2.73 -8.31
N GLY A 250 -21.72 -3.06 -7.42
CA GLY A 250 -21.70 -2.44 -6.12
C GLY A 250 -20.53 -2.84 -5.25
N TYR A 251 -20.26 -1.99 -4.26
CA TYR A 251 -19.33 -2.39 -3.25
C TYR A 251 -19.34 -1.50 -2.02
N THR A 252 -18.59 -1.92 -1.02
CA THR A 252 -18.67 -1.31 0.26
C THR A 252 -17.40 -1.67 1.04
N SER A 253 -17.10 -0.94 2.10
CA SER A 253 -15.90 -1.19 2.92
C SER A 253 -16.06 -0.80 4.39
N VAL A 254 -15.35 -1.53 5.25
CA VAL A 254 -15.05 -1.17 6.61
C VAL A 254 -13.50 -0.97 6.78
N SER A 255 -13.15 -0.01 7.62
CA SER A 255 -11.80 0.34 7.90
C SER A 255 -11.65 0.08 9.41
N LYS A 256 -10.53 -0.47 9.82
CA LYS A 256 -10.36 -0.82 11.25
C LYS A 256 -8.95 -0.37 11.65
N THR A 257 -8.82 0.42 12.72
CA THR A 257 -7.51 0.84 13.25
C THR A 257 -6.78 -0.27 14.06
N THR A 258 -5.47 -0.13 14.22
CA THR A 258 -4.74 -1.03 15.07
C THR A 258 -5.34 -0.99 16.48
N GLY A 259 -5.53 0.20 17.01
CA GLY A 259 -6.07 0.37 18.37
C GLY A 259 -7.59 0.24 18.39
N ASN A 260 -8.15 0.10 19.59
CA ASN A 260 -9.60 0.14 19.80
C ASN A 260 -10.28 -1.05 19.17
N PRO A 261 -10.08 -2.26 19.73
CA PRO A 261 -10.65 -3.49 19.16
C PRO A 261 -12.17 -3.47 19.01
N ALA A 262 -12.85 -2.65 19.78
CA ALA A 262 -14.30 -2.55 19.76
C ALA A 262 -14.85 -1.55 18.74
N TYR A 263 -14.01 -0.82 18.04
CA TYR A 263 -14.54 0.21 17.16
C TYR A 263 -14.20 -0.07 15.69
N ALA A 264 -15.07 0.33 14.77
CA ALA A 264 -14.73 0.16 13.37
C ALA A 264 -15.46 1.23 12.57
N LEU A 265 -14.98 1.48 11.38
CA LEU A 265 -15.55 2.56 10.57
C LEU A 265 -16.17 1.95 9.29
N GLN A 266 -17.45 2.21 9.05
CA GLN A 266 -18.10 1.78 7.81
C GLN A 266 -17.97 2.85 6.83
N GLY A 267 -17.39 2.55 5.68
CA GLY A 267 -17.19 3.58 4.64
C GLY A 267 -18.33 3.57 3.63
N MET A 268 -18.13 4.23 2.51
CA MET A 268 -19.23 4.33 1.55
C MET A 268 -19.69 2.99 0.92
N THR A 269 -21.00 2.87 0.75
CA THR A 269 -21.54 1.81 -0.06
C THR A 269 -22.03 2.48 -1.30
N VAL A 270 -21.50 2.09 -2.44
CA VAL A 270 -21.95 2.68 -3.69
C VAL A 270 -22.56 1.61 -4.60
N VAL A 271 -23.72 1.88 -5.17
CA VAL A 271 -24.36 0.93 -6.07
C VAL A 271 -24.38 1.55 -7.45
N HIS A 272 -23.85 0.85 -8.45
CA HIS A 272 -23.90 1.28 -9.85
C HIS A 272 -25.32 1.65 -10.30
N ARG A 273 -25.44 2.78 -11.01
CA ARG A 273 -26.71 3.34 -11.46
C ARG A 273 -27.60 2.35 -12.26
N GLU A 274 -27.00 1.51 -13.11
CA GLU A 274 -27.77 0.45 -13.81
C GLU A 274 -28.12 -0.77 -12.93
N HIS A 275 -27.82 -0.72 -11.64
CA HIS A 275 -28.14 -1.85 -10.79
C HIS A 275 -28.88 -1.49 -9.50
N ARG A 276 -29.66 -0.42 -9.57
CA ARG A 276 -30.47 -0.04 -8.45
C ARG A 276 -31.62 -1.04 -8.52
N GLY A 277 -32.38 -1.10 -7.43
CA GLY A 277 -33.64 -1.83 -7.42
C GLY A 277 -33.52 -3.30 -7.09
N HIS A 278 -32.32 -3.75 -6.75
CA HIS A 278 -32.11 -5.13 -6.33
C HIS A 278 -31.68 -5.24 -4.87
N ALA A 279 -31.76 -4.15 -4.12
CA ALA A 279 -31.34 -4.23 -2.70
C ALA A 279 -29.86 -4.62 -2.50
N LEU A 280 -29.01 -4.23 -3.44
CA LEU A 280 -27.55 -4.39 -3.31
C LEU A 280 -26.96 -3.71 -2.07
N GLY A 281 -27.44 -2.54 -1.72
CA GLY A 281 -26.81 -1.84 -0.57
C GLY A 281 -27.01 -2.52 0.77
N THR A 282 -28.23 -3.01 1.01
CA THR A 282 -28.47 -3.84 2.18
C THR A 282 -27.65 -5.13 2.12
N LEU A 283 -27.62 -5.80 0.99
CA LEU A 283 -26.93 -7.08 0.92
C LEU A 283 -25.45 -6.84 1.17
N LEU A 284 -24.89 -5.85 0.49
CA LEU A 284 -23.51 -5.48 0.63
C LEU A 284 -23.10 -5.11 2.12
N LYS A 285 -23.86 -4.26 2.80
CA LYS A 285 -23.48 -3.91 4.18
C LYS A 285 -23.51 -5.08 5.13
N LEU A 286 -24.53 -5.94 4.96
CA LEU A 286 -24.69 -7.06 5.86
C LEU A 286 -23.65 -8.12 5.55
N ALA A 287 -23.39 -8.39 4.27
CA ALA A 287 -22.34 -9.36 3.96
C ALA A 287 -20.97 -8.83 4.41
N ASN A 288 -20.68 -7.55 4.15
CA ASN A 288 -19.39 -6.99 4.61
C ASN A 288 -19.25 -6.95 6.14
N LEU A 289 -20.35 -6.67 6.85
CA LEU A 289 -20.28 -6.67 8.30
C LEU A 289 -19.97 -8.09 8.79
N GLU A 290 -20.59 -9.08 8.19
CA GLU A 290 -20.36 -10.41 8.66
C GLU A 290 -18.89 -10.77 8.45
N TYR A 291 -18.36 -10.28 7.34
CA TYR A 291 -17.01 -10.55 6.94
C TYR A 291 -16.04 -9.86 7.95
N VAL A 292 -16.29 -8.63 8.33
CA VAL A 292 -15.58 -7.98 9.48
C VAL A 292 -15.62 -8.77 10.80
N LEU A 293 -16.82 -9.10 11.28
CA LEU A 293 -17.01 -9.71 12.60
C LEU A 293 -16.34 -11.07 12.71
N ARG A 294 -16.17 -11.77 11.59
CA ARG A 294 -15.56 -13.06 11.74
C ARG A 294 -14.04 -12.92 11.80
N HIS A 295 -13.53 -11.74 11.49
CA HIS A 295 -12.09 -11.45 11.66
C HIS A 295 -11.78 -10.48 12.85
N GLU A 296 -12.80 -9.75 13.30
CA GLU A 296 -12.71 -8.75 14.34
C GLU A 296 -13.90 -9.04 15.27
N PRO A 297 -13.86 -10.19 15.99
CA PRO A 297 -14.94 -10.54 16.93
C PRO A 297 -15.27 -9.47 17.97
N GLU A 298 -14.34 -8.59 18.32
CA GLU A 298 -14.56 -7.72 19.46
C GLU A 298 -15.26 -6.47 19.04
N VAL A 299 -15.43 -6.29 17.71
CA VAL A 299 -16.11 -5.13 17.19
C VAL A 299 -17.58 -5.07 17.60
N ARG A 300 -18.00 -3.89 18.04
CA ARG A 300 -19.23 -3.79 18.78
C ARG A 300 -19.83 -2.48 18.35
N LEU A 301 -18.93 -1.51 18.07
CA LEU A 301 -19.38 -0.15 17.71
C LEU A 301 -18.92 0.30 16.36
N VAL A 302 -19.88 0.64 15.49
CA VAL A 302 -19.54 0.90 14.12
C VAL A 302 -20.07 2.27 13.77
N GLU A 303 -19.23 3.11 13.22
CA GLU A 303 -19.69 4.43 12.85
C GLU A 303 -19.69 4.58 11.32
N THR A 304 -20.53 5.50 10.84
CA THR A 304 -20.55 5.84 9.45
C THR A 304 -21.10 7.28 9.28
N ALA A 305 -21.06 7.82 8.04
CA ALA A 305 -21.59 9.16 7.80
C ALA A 305 -22.08 9.28 6.38
N ASN A 306 -23.27 9.85 6.24
CA ASN A 306 -23.86 10.18 4.95
C ASN A 306 -24.14 11.64 4.83
N ALA A 307 -24.02 12.15 3.62
CA ALA A 307 -24.62 13.45 3.35
C ALA A 307 -26.10 13.35 3.68
N GLU A 308 -26.62 14.35 4.40
CA GLU A 308 -27.98 14.28 4.90
C GLU A 308 -29.02 14.22 3.76
N ASP A 309 -28.61 14.50 2.53
CA ASP A 309 -29.56 14.38 1.40
C ASP A 309 -29.48 13.03 0.70
N ASN A 310 -28.58 12.16 1.13
CA ASN A 310 -28.55 10.80 0.58
C ASN A 310 -29.56 9.82 1.19
N HIS A 311 -30.84 10.11 1.02
CA HIS A 311 -31.92 9.35 1.66
C HIS A 311 -31.87 7.85 1.52
N PRO A 312 -31.63 7.37 0.28
CA PRO A 312 -31.50 5.92 -0.01
C PRO A 312 -30.53 5.16 0.94
N MET A 313 -29.27 5.60 1.05
CA MET A 313 -28.31 4.95 1.96
C MET A 313 -28.69 5.22 3.40
N ILE A 314 -29.20 6.41 3.68
CA ILE A 314 -29.72 6.62 5.05
C ILE A 314 -30.82 5.57 5.39
N ALA A 315 -31.74 5.36 4.45
CA ALA A 315 -32.78 4.35 4.63
C ALA A 315 -32.16 2.98 4.83
N VAL A 316 -31.12 2.66 4.07
CA VAL A 316 -30.42 1.41 4.34
C VAL A 316 -29.73 1.31 5.68
N ASN A 317 -29.07 2.39 6.11
CA ASN A 317 -28.29 2.35 7.34
C ASN A 317 -29.22 2.19 8.54
N ALA A 318 -30.32 2.95 8.53
CA ALA A 318 -31.36 2.91 9.57
C ALA A 318 -31.97 1.53 9.73
N ALA A 319 -32.40 0.92 8.63
CA ALA A 319 -32.92 -0.48 8.67
C ALA A 319 -31.93 -1.36 9.38
N LEU A 320 -30.66 -1.00 9.33
CA LEU A 320 -29.65 -1.92 9.86
C LEU A 320 -29.35 -1.63 11.34
N GLY A 321 -30.02 -0.63 11.93
CA GLY A 321 -29.76 -0.30 13.34
C GLY A 321 -28.87 0.94 13.53
N PHE A 322 -28.38 1.52 12.43
CA PHE A 322 -27.59 2.73 12.58
C PHE A 322 -28.49 3.87 13.14
N GLU A 323 -27.98 4.63 14.13
CA GLU A 323 -28.75 5.75 14.70
C GLU A 323 -27.95 7.04 14.56
N PRO A 324 -28.60 8.07 14.00
CA PRO A 324 -27.96 9.37 13.84
C PRO A 324 -27.63 9.94 15.22
N TYR A 325 -26.39 10.33 15.40
CA TYR A 325 -25.93 10.83 16.67
C TYR A 325 -25.56 12.33 16.66
N ASP A 326 -24.72 12.78 15.73
CA ASP A 326 -24.38 14.19 15.61
C ASP A 326 -24.21 14.60 14.13
N ARG A 327 -23.97 15.89 13.91
CA ARG A 327 -24.04 16.49 12.58
C ARG A 327 -22.67 17.06 12.19
N TRP A 328 -22.25 16.85 10.94
CA TRP A 328 -20.92 17.29 10.50
C TRP A 328 -21.10 18.47 9.55
N VAL A 329 -20.95 19.70 10.04
CA VAL A 329 -21.35 20.89 9.29
C VAL A 329 -20.13 21.60 8.65
N PHE A 330 -20.23 21.92 7.36
CA PHE A 330 -19.09 22.48 6.62
C PHE A 330 -19.07 23.97 6.72
N TRP A 331 -17.94 24.50 7.18
CA TRP A 331 -17.80 25.95 7.33
C TRP A 331 -16.64 26.41 6.50
N THR A 332 -16.60 27.70 6.22
CA THR A 332 -15.60 28.25 5.32
C THR A 332 -15.29 29.68 5.75
N ALA A 333 -14.09 30.14 5.43
CA ALA A 333 -13.64 31.45 5.91
C ALA A 333 -12.62 32.03 4.95
N GLU A 334 -12.60 33.35 4.85
CA GLU A 334 -11.50 34.04 4.16
C GLU A 334 -10.14 33.93 4.92
N ALA A 335 -9.11 33.64 4.17
CA ALA A 335 -7.75 33.62 4.65
C ALA A 335 -7.20 35.03 4.83
N GLY A 336 -7.47 35.90 3.87
CA GLY A 336 -6.72 37.18 3.72
C GLY A 336 -7.54 38.27 4.36
N PRO A 337 -7.05 39.54 4.37
CA PRO A 337 -5.88 40.19 3.73
C PRO A 337 -4.44 39.72 4.08
N SER A 338 -4.07 39.75 5.38
CA SER A 338 -2.63 39.68 5.74
C SER A 338 -2.31 40.38 7.08
N ALA B 5 2.79 -34.97 -22.88
CA ALA B 5 2.48 -36.27 -22.22
C ALA B 5 1.52 -37.00 -23.13
N GLY B 6 0.45 -36.30 -23.48
CA GLY B 6 -0.54 -36.74 -24.49
C GLY B 6 -1.40 -35.50 -24.77
N GLU B 7 -2.71 -35.60 -24.59
CA GLU B 7 -3.54 -34.40 -24.65
C GLU B 7 -3.17 -33.38 -23.56
N LEU B 8 -2.55 -32.28 -23.93
CA LEU B 8 -2.35 -31.26 -22.92
C LEU B 8 -3.52 -30.29 -22.93
N GLU B 9 -4.05 -30.02 -21.75
CA GLU B 9 -5.11 -29.04 -21.59
C GLU B 9 -4.56 -27.71 -20.96
N PHE B 10 -4.68 -26.62 -21.71
CA PHE B 10 -4.29 -25.28 -21.24
C PHE B 10 -5.48 -24.58 -20.58
N VAL B 11 -5.36 -24.24 -19.31
CA VAL B 11 -6.45 -23.68 -18.51
C VAL B 11 -5.98 -22.36 -17.84
N PRO B 12 -6.76 -21.30 -17.94
CA PRO B 12 -6.30 -20.13 -17.24
C PRO B 12 -6.12 -20.40 -15.74
N LEU B 13 -5.15 -19.74 -15.15
CA LEU B 13 -4.89 -19.79 -13.72
C LEU B 13 -5.45 -18.49 -13.10
N ALA B 14 -6.56 -18.60 -12.39
CA ALA B 14 -7.31 -17.51 -11.79
C ALA B 14 -7.32 -17.73 -10.27
N ALA B 15 -7.09 -16.66 -9.52
CA ALA B 15 -7.00 -16.75 -8.06
C ALA B 15 -8.22 -17.34 -7.40
N ASN B 16 -9.38 -17.21 -8.01
CA ASN B 16 -10.66 -17.61 -7.39
C ASN B 16 -10.96 -19.11 -7.52
N ASP B 17 -10.14 -19.81 -8.31
CA ASP B 17 -10.32 -21.22 -8.58
C ASP B 17 -9.42 -22.02 -7.64
N ASP B 18 -9.92 -22.28 -6.45
CA ASP B 18 -9.15 -22.92 -5.39
C ASP B 18 -8.47 -24.26 -5.74
N GLU B 19 -9.22 -25.12 -6.41
CA GLU B 19 -8.71 -26.40 -6.89
C GLU B 19 -7.41 -26.22 -7.72
N THR B 20 -7.49 -25.39 -8.75
CA THR B 20 -6.39 -25.21 -9.71
C THR B 20 -5.27 -24.46 -9.00
N VAL B 21 -5.60 -23.44 -8.22
CA VAL B 21 -4.59 -22.72 -7.48
C VAL B 21 -3.85 -23.60 -6.48
N GLY B 22 -4.56 -24.42 -5.73
CA GLY B 22 -3.90 -25.38 -4.85
C GLY B 22 -2.93 -26.35 -5.54
N GLN B 23 -3.26 -26.76 -6.76
CA GLN B 23 -2.38 -27.69 -7.51
C GLN B 23 -1.16 -26.99 -8.02
N TRP B 24 -1.35 -25.76 -8.44
CA TRP B 24 -0.25 -24.89 -8.83
C TRP B 24 0.70 -24.65 -7.66
N LEU B 25 0.17 -24.31 -6.47
CA LEU B 25 1.03 -24.16 -5.26
C LEU B 25 1.83 -25.44 -5.04
N ASP B 26 1.14 -26.59 -5.11
CA ASP B 26 1.79 -27.86 -4.89
C ASP B 26 2.92 -28.18 -5.92
N LEU B 27 2.69 -27.78 -7.17
CA LEU B 27 3.67 -28.00 -8.24
C LEU B 27 4.95 -27.25 -7.91
N MET B 28 4.78 -26.01 -7.48
CA MET B 28 5.92 -25.15 -7.14
C MET B 28 6.66 -25.73 -5.94
N ALA B 29 5.95 -26.10 -4.89
CA ALA B 29 6.63 -26.57 -3.69
C ALA B 29 7.43 -27.85 -4.04
N LEU B 30 6.82 -28.71 -4.83
CA LEU B 30 7.43 -29.98 -5.24
C LEU B 30 8.65 -29.73 -6.10
N ALA B 31 8.52 -28.81 -7.06
CA ALA B 31 9.59 -28.55 -8.00
C ALA B 31 10.74 -27.82 -7.29
N ALA B 32 10.38 -26.99 -6.30
CA ALA B 32 11.42 -26.29 -5.55
C ALA B 32 12.35 -27.25 -4.75
N GLU B 33 11.91 -28.48 -4.51
CA GLU B 33 12.78 -29.46 -3.83
C GLU B 33 14.01 -29.86 -4.62
N THR B 34 13.91 -29.82 -5.95
CA THR B 34 15.08 -30.13 -6.73
C THR B 34 15.50 -28.99 -7.66
N GLY B 35 15.03 -27.79 -7.44
CA GLY B 35 15.41 -26.73 -8.35
C GLY B 35 16.61 -25.98 -7.78
N PRO B 36 16.78 -24.72 -8.18
CA PRO B 36 17.91 -23.94 -7.69
C PRO B 36 17.81 -23.68 -6.20
N ARG B 37 18.94 -23.45 -5.56
CA ARG B 37 18.91 -23.01 -4.20
C ARG B 37 17.91 -21.85 -4.07
N ALA B 38 16.96 -21.94 -3.15
CA ALA B 38 15.93 -20.89 -3.11
C ALA B 38 15.12 -20.93 -1.85
N ALA B 39 14.52 -19.79 -1.47
CA ALA B 39 13.54 -19.84 -0.37
C ALA B 39 12.38 -20.66 -0.89
N PRO B 40 11.87 -21.64 -0.11
CA PRO B 40 10.62 -22.29 -0.56
C PRO B 40 9.54 -21.25 -0.94
N PRO B 41 8.65 -21.62 -1.85
CA PRO B 41 7.63 -20.69 -2.27
C PRO B 41 6.74 -20.41 -1.05
N CYS B 42 6.43 -19.14 -0.82
CA CYS B 42 5.42 -18.77 0.15
C CYS B 42 4.02 -18.60 -0.57
N ASN B 43 3.05 -19.38 -0.12
CA ASN B 43 1.68 -19.40 -0.66
C ASN B 43 0.96 -18.08 -0.57
N VAL B 44 1.23 -17.34 0.49
CA VAL B 44 0.68 -15.99 0.64
C VAL B 44 1.23 -15.12 -0.48
N ASP B 45 2.54 -15.22 -0.70
CA ASP B 45 3.21 -14.46 -1.72
C ASP B 45 2.67 -14.88 -3.11
N MET B 46 2.68 -16.20 -3.40
CA MET B 46 2.28 -16.68 -4.73
C MET B 46 0.82 -16.35 -5.05
N VAL B 47 -0.10 -16.68 -4.15
CA VAL B 47 -1.50 -16.42 -4.43
C VAL B 47 -1.68 -14.92 -4.59
N GLY B 48 -1.02 -14.12 -3.78
CA GLY B 48 -1.13 -12.69 -3.97
C GLY B 48 -0.56 -12.29 -5.30
N SER B 49 0.40 -13.08 -5.83
CA SER B 49 1.02 -12.66 -7.09
C SER B 49 0.07 -12.82 -8.27
N LEU B 50 -1.03 -13.54 -8.09
CA LEU B 50 -2.04 -13.65 -9.16
C LEU B 50 -3.00 -12.48 -9.10
N ARG B 51 -3.08 -11.83 -7.94
CA ARG B 51 -4.14 -10.85 -7.70
C ARG B 51 -3.68 -9.38 -7.88
N PHE B 52 -2.38 -9.17 -7.61
CA PHE B 52 -1.75 -7.85 -7.53
C PHE B 52 -0.46 -7.86 -8.34
N ALA B 53 -0.47 -7.20 -9.49
CA ALA B 53 0.62 -7.15 -10.40
C ALA B 53 1.40 -5.89 -10.13
N PRO B 54 2.67 -5.88 -10.54
CA PRO B 54 3.46 -4.69 -10.48
C PRO B 54 2.79 -3.64 -11.33
N PRO B 55 3.21 -2.39 -11.13
CA PRO B 55 2.63 -1.27 -11.79
C PRO B 55 2.64 -1.46 -13.29
N ALA B 56 1.65 -0.89 -13.95
CA ALA B 56 1.60 -0.80 -15.37
C ALA B 56 1.98 -2.12 -16.01
N THR B 57 1.45 -3.22 -15.47
CA THR B 57 1.72 -4.51 -15.97
C THR B 57 0.46 -5.37 -15.88
N ALA B 58 0.19 -6.13 -16.96
CA ALA B 58 -0.90 -7.11 -17.00
C ALA B 58 -0.28 -8.49 -16.80
N LEU B 59 -0.97 -9.38 -16.10
CA LEU B 59 -0.56 -10.79 -16.05
C LEU B 59 -1.40 -11.64 -16.97
N ASP B 60 -0.84 -12.73 -17.47
CA ASP B 60 -1.60 -13.69 -18.24
C ASP B 60 -1.08 -15.09 -17.75
N ASP B 61 -1.83 -15.71 -16.84
CA ASP B 61 -1.33 -16.90 -16.14
C ASP B 61 -2.07 -18.13 -16.58
N TRP B 62 -1.36 -19.23 -16.75
CA TRP B 62 -1.95 -20.44 -17.27
C TRP B 62 -1.34 -21.64 -16.59
N VAL B 63 -2.13 -22.69 -16.37
CA VAL B 63 -1.53 -24.00 -16.09
C VAL B 63 -1.80 -24.94 -17.22
N VAL B 64 -1.09 -26.06 -17.21
CA VAL B 64 -1.43 -27.11 -18.18
C VAL B 64 -1.77 -28.39 -17.41
N ARG B 65 -2.78 -29.11 -17.91
CA ARG B 65 -3.23 -30.31 -17.27
C ARG B 65 -3.13 -31.56 -18.16
N SER B 66 -2.90 -32.68 -17.52
CA SER B 66 -2.75 -33.93 -18.20
C SER B 66 -3.48 -34.92 -17.32
N GLY B 67 -4.47 -35.63 -17.85
CA GLY B 67 -5.27 -36.55 -17.05
C GLY B 67 -5.94 -35.79 -15.91
N GLY B 68 -6.34 -34.56 -16.18
CA GLY B 68 -7.03 -33.80 -15.15
C GLY B 68 -6.19 -33.15 -14.05
N ARG B 69 -4.87 -33.37 -14.01
CA ARG B 69 -3.99 -32.69 -13.02
C ARG B 69 -3.04 -31.74 -13.65
N VAL B 70 -2.60 -30.78 -12.86
CA VAL B 70 -1.69 -29.77 -13.35
C VAL B 70 -0.32 -30.41 -13.51
N VAL B 71 0.32 -30.25 -14.67
CA VAL B 71 1.65 -30.78 -14.78
C VAL B 71 2.66 -29.72 -15.19
N GLY B 72 2.21 -28.47 -15.30
CA GLY B 72 3.09 -27.38 -15.68
C GLY B 72 2.34 -26.07 -15.63
N ALA B 73 3.06 -24.98 -15.71
CA ALA B 73 2.51 -23.67 -15.54
C ALA B 73 3.35 -22.70 -16.39
N LEU B 74 2.68 -21.71 -16.93
CA LEU B 74 3.34 -20.65 -17.69
C LEU B 74 2.77 -19.35 -17.22
N ARG B 75 3.60 -18.39 -16.87
CA ARG B 75 3.08 -17.07 -16.52
C ARG B 75 3.79 -15.97 -17.29
N LEU B 76 3.02 -15.06 -17.86
CA LEU B 76 3.56 -13.96 -18.61
C LEU B 76 3.30 -12.64 -17.93
N ALA B 77 4.26 -11.72 -17.99
CA ALA B 77 3.97 -10.36 -17.54
C ALA B 77 4.15 -9.49 -18.72
N LEU B 78 3.15 -8.66 -18.98
CA LEU B 78 3.18 -7.81 -20.17
C LEU B 78 3.23 -6.39 -19.71
N PRO B 79 4.40 -5.73 -19.86
CA PRO B 79 4.48 -4.30 -19.46
C PRO B 79 3.62 -3.46 -20.38
N ASP B 80 2.74 -2.63 -19.82
CA ASP B 80 1.93 -1.74 -20.66
C ASP B 80 2.76 -1.02 -21.70
N GLY B 81 2.24 -0.98 -22.92
CA GLY B 81 2.79 -0.14 -23.97
C GLY B 81 4.14 -0.58 -24.53
N ALA B 82 4.65 -1.75 -24.16
CA ALA B 82 5.98 -2.17 -24.62
C ALA B 82 5.77 -3.36 -25.51
N PRO B 83 6.73 -3.62 -26.39
CA PRO B 83 6.73 -4.72 -27.36
C PRO B 83 7.22 -6.06 -26.81
N THR B 84 7.31 -6.17 -25.50
CA THR B 84 7.92 -7.33 -24.91
C THR B 84 6.96 -8.13 -24.08
N ALA B 85 7.28 -9.40 -23.88
CA ALA B 85 6.48 -10.25 -23.01
C ALA B 85 7.46 -11.04 -22.22
N ARG B 86 7.36 -10.93 -20.89
CA ARG B 86 8.31 -11.48 -20.02
C ARG B 86 7.83 -12.81 -19.43
N VAL B 87 8.66 -13.84 -19.54
CA VAL B 87 8.27 -15.12 -18.95
C VAL B 87 8.59 -15.14 -17.47
N ASP B 88 7.60 -14.97 -16.60
CA ASP B 88 7.87 -14.92 -15.16
C ASP B 88 7.94 -16.34 -14.60
N GLN B 89 7.28 -17.26 -15.31
CA GLN B 89 7.28 -18.66 -14.92
C GLN B 89 7.08 -19.56 -16.14
N LEU B 90 7.87 -20.64 -16.18
CA LEU B 90 7.62 -21.71 -17.12
C LEU B 90 8.14 -22.95 -16.45
N LEU B 91 7.25 -23.74 -15.89
CA LEU B 91 7.62 -24.84 -14.98
C LEU B 91 6.94 -26.15 -15.42
N VAL B 92 7.67 -27.26 -15.40
CA VAL B 92 7.07 -28.51 -15.78
C VAL B 92 7.30 -29.41 -14.60
N HIS B 93 6.23 -30.09 -14.15
CA HIS B 93 6.32 -31.03 -13.02
C HIS B 93 7.56 -31.94 -13.16
N PRO B 94 8.38 -32.01 -12.11
CA PRO B 94 9.66 -32.73 -12.00
C PRO B 94 9.56 -34.16 -12.45
N GLY B 95 8.36 -34.76 -12.28
CA GLY B 95 8.12 -36.15 -12.67
C GLY B 95 7.69 -36.37 -14.13
N ARG B 96 7.40 -35.26 -14.85
CA ARG B 96 6.90 -35.34 -16.23
C ARG B 96 7.80 -34.58 -17.20
N ARG B 97 9.09 -34.56 -16.89
CA ARG B 97 10.05 -33.78 -17.66
C ARG B 97 10.59 -34.55 -18.89
N ARG B 98 11.01 -33.82 -19.91
CA ARG B 98 11.46 -34.42 -21.14
C ARG B 98 10.39 -35.19 -21.88
N ARG B 99 9.19 -34.64 -21.90
CA ARG B 99 8.05 -35.31 -22.47
C ARG B 99 7.45 -34.36 -23.53
N GLY B 100 8.02 -33.15 -23.72
CA GLY B 100 7.46 -32.15 -24.62
C GLY B 100 6.56 -31.10 -23.97
N ILE B 101 6.33 -31.23 -22.65
CA ILE B 101 5.46 -30.29 -21.93
C ILE B 101 6.07 -28.87 -22.00
N GLY B 102 7.31 -28.78 -21.56
CA GLY B 102 8.05 -27.54 -21.67
C GLY B 102 7.86 -26.91 -23.04
N ARG B 103 8.10 -27.70 -24.07
CA ARG B 103 8.02 -27.23 -25.42
C ARG B 103 6.63 -26.69 -25.73
N ALA B 104 5.60 -27.48 -25.47
CA ALA B 104 4.26 -26.99 -25.64
C ALA B 104 3.98 -25.67 -24.83
N LEU B 105 4.59 -25.52 -23.65
CA LEU B 105 4.32 -24.30 -22.88
C LEU B 105 4.95 -23.14 -23.62
N TRP B 106 6.15 -23.39 -24.16
CA TRP B 106 6.84 -22.36 -24.91
C TRP B 106 6.03 -21.94 -26.12
N ALA B 107 5.44 -22.92 -26.81
CA ALA B 107 4.66 -22.66 -28.01
C ALA B 107 3.43 -21.80 -27.62
N HIS B 108 2.83 -22.13 -26.48
CA HIS B 108 1.68 -21.39 -25.96
C HIS B 108 2.15 -19.96 -25.62
N ALA B 109 3.38 -19.85 -25.07
CA ALA B 109 4.02 -18.53 -24.78
C ALA B 109 4.09 -17.61 -25.99
N ARG B 110 4.67 -18.09 -27.07
CA ARG B 110 4.82 -17.30 -28.28
C ARG B 110 3.49 -16.91 -28.83
N GLU B 111 2.52 -17.80 -28.63
CA GLU B 111 1.15 -17.53 -29.06
C GLU B 111 0.44 -16.44 -28.19
N LEU B 112 0.61 -16.49 -26.87
CA LEU B 112 0.07 -15.44 -25.98
C LEU B 112 0.74 -14.08 -26.20
N ALA B 113 2.03 -14.08 -26.50
CA ALA B 113 2.71 -12.81 -26.74
C ALA B 113 2.19 -12.21 -28.00
N ARG B 114 2.04 -13.06 -29.01
CA ARG B 114 1.53 -12.64 -30.28
C ARG B 114 0.09 -12.08 -30.11
N LYS B 115 -0.72 -12.74 -29.29
CA LYS B 115 -2.09 -12.28 -29.06
C LYS B 115 -2.05 -10.86 -28.40
N HIS B 116 -1.09 -10.65 -27.52
CA HIS B 116 -0.86 -9.35 -26.88
C HIS B 116 0.00 -8.34 -27.70
N ASP B 117 0.23 -8.63 -28.98
CA ASP B 117 0.98 -7.72 -29.90
C ASP B 117 2.42 -7.50 -29.50
N ARG B 118 2.99 -8.46 -28.78
CA ARG B 118 4.40 -8.44 -28.43
C ARG B 118 5.25 -9.17 -29.50
N THR B 119 6.35 -8.56 -29.87
CA THR B 119 7.29 -9.09 -30.82
C THR B 119 8.34 -10.00 -30.13
N THR B 120 8.68 -9.71 -28.88
CA THR B 120 9.80 -10.36 -28.22
C THR B 120 9.35 -11.00 -26.89
N LEU B 121 9.89 -12.18 -26.62
CA LEU B 121 9.67 -12.89 -25.38
C LEU B 121 11.02 -12.85 -24.68
N THR B 122 11.06 -12.44 -23.41
CA THR B 122 12.32 -12.40 -22.65
C THR B 122 12.20 -13.33 -21.44
N ALA B 123 13.35 -13.77 -20.94
CA ALA B 123 13.38 -14.73 -19.85
C ALA B 123 14.71 -14.60 -19.11
N THR B 124 14.70 -14.97 -17.85
CA THR B 124 15.90 -15.05 -17.02
C THR B 124 16.14 -16.52 -16.74
N VAL B 125 17.37 -16.97 -16.98
CA VAL B 125 17.64 -18.38 -16.94
C VAL B 125 18.72 -18.55 -15.90
N VAL B 126 18.54 -19.54 -15.02
CA VAL B 126 19.56 -19.88 -14.04
C VAL B 126 20.71 -20.74 -14.63
N GLU B 127 21.90 -20.18 -14.61
CA GLU B 127 23.10 -20.84 -15.08
C GLU B 127 24.14 -20.75 -14.00
N SER B 128 25.30 -21.39 -14.27
CA SER B 128 26.47 -21.46 -13.42
C SER B 128 27.35 -20.23 -13.44
N LEU B 129 27.91 -19.90 -12.28
CA LEU B 129 28.97 -18.90 -12.13
C LEU B 129 30.28 -19.48 -12.59
N PRO B 130 31.15 -18.65 -13.17
CA PRO B 130 32.37 -19.17 -13.70
C PRO B 130 33.23 -19.82 -12.62
N SER B 131 32.63 -20.32 -11.58
CA SER B 131 33.46 -20.81 -10.52
C SER B 131 32.56 -21.43 -9.46
N GLY B 132 31.36 -20.86 -9.33
CA GLY B 132 30.43 -21.24 -8.26
C GLY B 132 30.09 -22.71 -8.47
N PRO B 133 29.20 -23.21 -7.61
CA PRO B 133 28.70 -24.59 -7.73
C PRO B 133 28.01 -24.79 -9.05
N ALA B 134 28.28 -25.95 -9.62
CA ALA B 134 27.76 -26.33 -10.91
C ALA B 134 26.24 -26.28 -10.81
N GLN B 135 25.59 -25.60 -11.74
CA GLN B 135 24.14 -25.54 -11.71
C GLN B 135 23.55 -26.48 -12.77
N ASP B 136 22.28 -26.80 -12.65
CA ASP B 136 21.65 -27.65 -13.69
C ASP B 136 21.72 -26.95 -15.08
N PRO B 137 22.27 -27.63 -16.08
CA PRO B 137 22.34 -27.00 -17.41
C PRO B 137 21.02 -27.09 -18.21
N GLY B 138 20.05 -27.82 -17.68
CA GLY B 138 18.75 -27.97 -18.35
C GLY B 138 18.14 -26.69 -18.84
N PRO B 139 17.94 -25.74 -17.93
CA PRO B 139 17.17 -24.56 -18.35
C PRO B 139 17.79 -23.91 -19.55
N ALA B 140 19.12 -23.71 -19.53
CA ALA B 140 19.81 -23.11 -20.66
C ALA B 140 19.77 -23.99 -21.94
N ALA B 141 19.90 -25.32 -21.80
CA ALA B 141 19.74 -26.21 -22.98
C ALA B 141 18.32 -26.12 -23.57
N PHE B 142 17.28 -26.05 -22.72
CA PHE B 142 15.91 -25.87 -23.18
C PHE B 142 15.78 -24.53 -23.87
N ALA B 143 16.23 -23.45 -23.24
CA ALA B 143 16.07 -22.14 -23.86
C ALA B 143 16.72 -22.10 -25.28
N ALA B 144 17.92 -22.68 -25.43
CA ALA B 144 18.55 -22.79 -26.75
C ALA B 144 17.69 -23.62 -27.66
N ALA B 145 17.16 -24.72 -27.12
CA ALA B 145 16.48 -25.68 -27.99
C ALA B 145 15.16 -25.07 -28.48
N MET B 146 14.65 -24.07 -27.74
CA MET B 146 13.41 -23.38 -28.12
C MET B 146 13.68 -22.23 -29.07
N GLY B 147 14.95 -21.99 -29.43
CA GLY B 147 15.32 -20.87 -30.31
C GLY B 147 15.56 -19.52 -29.64
N ALA B 148 15.61 -19.47 -28.31
CA ALA B 148 16.06 -18.24 -27.61
C ALA B 148 17.60 -18.08 -27.71
N HIS B 149 18.08 -16.86 -27.47
CA HIS B 149 19.52 -16.47 -27.51
C HIS B 149 19.86 -15.63 -26.28
N ARG B 150 21.08 -15.72 -25.82
CA ARG B 150 21.44 -14.95 -24.65
C ARG B 150 21.61 -13.49 -25.08
N SER B 151 21.02 -12.55 -24.35
CA SER B 151 21.12 -11.14 -24.65
C SER B 151 22.47 -10.65 -24.32
N ASP B 152 22.91 -9.65 -25.05
CA ASP B 152 24.23 -9.09 -24.82
C ASP B 152 24.12 -8.02 -23.74
N ILE B 153 23.75 -8.45 -22.54
CA ILE B 153 23.76 -7.55 -21.40
C ILE B 153 24.31 -8.24 -20.15
N PRO B 154 24.78 -7.45 -19.19
CA PRO B 154 25.30 -8.05 -18.00
C PRO B 154 24.28 -8.96 -17.35
N ALA B 155 24.74 -10.13 -16.96
CA ALA B 155 23.99 -11.07 -16.17
C ALA B 155 24.02 -10.67 -14.66
N GLY B 156 23.10 -11.28 -13.92
CA GLY B 156 23.01 -11.03 -12.52
C GLY B 156 23.84 -12.05 -11.79
N THR B 157 24.62 -11.59 -10.83
CA THR B 157 25.24 -12.49 -9.85
C THR B 157 24.36 -12.57 -8.65
N HIS B 158 23.87 -13.77 -8.38
CA HIS B 158 22.92 -14.05 -7.29
C HIS B 158 23.66 -14.59 -6.07
N GLN B 159 23.56 -13.92 -4.91
CA GLN B 159 24.49 -14.18 -3.81
C GLN B 159 23.79 -14.59 -2.53
N TRP B 160 24.42 -15.38 -1.69
CA TRP B 160 23.80 -15.75 -0.41
C TRP B 160 24.65 -15.38 0.78
N LEU B 161 24.03 -14.86 1.83
CA LEU B 161 24.71 -14.64 3.11
C LEU B 161 24.04 -15.56 4.12
N ASP B 162 24.81 -16.46 4.71
CA ASP B 162 24.34 -17.31 5.78
C ASP B 162 24.92 -16.87 7.13
N LEU B 163 24.11 -16.16 7.92
CA LEU B 163 24.46 -15.68 9.25
C LEU B 163 25.00 -16.77 10.21
N ASP B 164 24.72 -18.03 9.93
CA ASP B 164 25.24 -19.11 10.76
C ASP B 164 26.65 -19.45 10.32
N ARG B 165 27.03 -18.97 9.14
CA ARG B 165 28.37 -19.15 8.66
C ARG B 165 29.21 -17.89 8.89
N HIS B 166 28.60 -16.73 8.87
CA HIS B 166 29.40 -15.53 8.92
C HIS B 166 28.55 -14.41 9.49
N ASP B 167 28.97 -13.82 10.59
CA ASP B 167 28.22 -12.73 11.23
C ASP B 167 28.75 -11.34 10.84
N PRO B 168 28.12 -10.65 9.87
CA PRO B 168 28.67 -9.37 9.45
C PRO B 168 28.51 -8.33 10.55
N LEU B 169 27.70 -8.65 11.56
CA LEU B 169 27.43 -7.69 12.60
C LEU B 169 28.29 -8.01 13.84
N ALA B 170 29.23 -8.97 13.75
CA ALA B 170 30.07 -9.26 14.93
C ALA B 170 30.85 -8.02 15.45
N ASP B 171 31.17 -7.07 14.58
CA ASP B 171 31.83 -5.83 15.07
C ASP B 171 30.90 -4.63 15.01
N GLY B 172 29.63 -4.83 15.32
CA GLY B 172 28.68 -3.73 15.39
C GLY B 172 28.52 -3.02 14.06
N VAL B 173 27.91 -1.85 14.11
CA VAL B 173 27.66 -1.08 12.91
C VAL B 173 28.71 0.03 12.92
N PRO B 174 29.30 0.35 11.75
CA PRO B 174 30.28 1.42 11.59
C PRO B 174 29.66 2.79 11.97
N ALA B 175 30.54 3.77 12.23
CA ALA B 175 30.11 5.12 12.62
C ALA B 175 29.50 5.82 11.41
N VAL B 176 28.53 6.68 11.64
CA VAL B 176 27.95 7.51 10.61
C VAL B 176 28.86 8.68 10.27
N PRO B 177 29.26 8.79 8.99
CA PRO B 177 30.13 9.93 8.61
C PRO B 177 29.62 11.29 9.13
N ALA B 178 30.55 12.23 9.37
CA ALA B 178 30.17 13.58 9.80
C ALA B 178 29.31 14.24 8.72
N GLY B 179 28.21 14.86 9.11
CA GLY B 179 27.35 15.53 8.15
C GLY B 179 26.17 14.68 7.73
N TYR B 180 26.23 13.40 8.08
CA TYR B 180 25.11 12.53 7.70
C TYR B 180 24.26 12.08 8.91
N SER B 181 23.03 11.65 8.69
CA SER B 181 22.32 10.95 9.75
C SER B 181 21.53 9.76 9.17
N LEU B 182 21.47 8.67 9.92
CA LEU B 182 20.71 7.48 9.52
C LEU B 182 19.24 7.70 9.79
N VAL B 183 18.38 7.18 8.94
CA VAL B 183 16.93 7.13 9.15
C VAL B 183 16.43 5.76 8.71
N THR B 184 15.33 5.31 9.31
CA THR B 184 14.75 3.99 9.02
C THR B 184 13.26 4.11 8.88
N TRP B 185 12.68 3.15 8.15
CA TRP B 185 11.25 3.07 7.99
C TRP B 185 10.81 1.65 7.45
N GLY B 186 9.55 1.27 7.70
CA GLY B 186 9.10 -0.09 7.44
C GLY B 186 8.57 -0.17 6.02
N THR B 187 7.42 -0.80 5.88
CA THR B 187 6.95 -1.24 4.60
C THR B 187 6.53 -0.09 3.77
N ILE B 188 6.02 0.96 4.43
CA ILE B 188 5.56 2.10 3.72
C ILE B 188 6.56 3.23 3.87
N THR B 189 6.92 3.81 2.73
CA THR B 189 7.83 4.95 2.67
C THR B 189 7.20 6.29 3.09
N PRO B 190 7.82 7.01 4.03
CA PRO B 190 7.23 8.30 4.35
C PRO B 190 7.22 9.24 3.16
N ASP B 191 6.18 10.05 3.03
CA ASP B 191 6.08 10.99 1.94
C ASP B 191 7.40 11.71 1.78
N GLU B 192 8.01 12.10 2.89
CA GLU B 192 9.16 12.94 2.87
C GLU B 192 10.32 12.33 2.07
N TYR B 193 10.35 10.99 1.98
CA TYR B 193 11.40 10.27 1.27
C TYR B 193 11.03 9.72 -0.11
N ALA B 194 9.78 9.92 -0.53
CA ALA B 194 9.30 9.27 -1.72
C ALA B 194 10.03 9.86 -2.92
N VAL B 195 9.93 11.18 -3.08
CA VAL B 195 10.57 11.80 -4.23
C VAL B 195 12.12 11.65 -4.18
N PRO B 196 12.74 11.88 -2.99
CA PRO B 196 14.19 11.68 -2.86
C PRO B 196 14.63 10.28 -3.24
N VAL B 197 13.85 9.27 -2.90
CA VAL B 197 14.15 7.95 -3.35
C VAL B 197 14.07 7.85 -4.89
N SER B 198 13.03 8.43 -5.49
CA SER B 198 12.88 8.27 -6.91
C SER B 198 14.05 8.91 -7.65
N GLU B 199 14.56 10.00 -7.09
CA GLU B 199 15.62 10.77 -7.74
C GLU B 199 17.01 10.19 -7.38
N LEU B 200 17.02 9.07 -6.65
CA LEU B 200 18.30 8.47 -6.31
C LEU B 200 18.88 7.75 -7.54
N GLU B 201 18.12 7.67 -8.64
CA GLU B 201 18.62 7.01 -9.86
C GLU B 201 19.40 7.93 -10.82
N LEU B 202 20.37 8.66 -10.29
CA LEU B 202 21.01 9.70 -11.10
C LEU B 202 21.41 9.17 -12.48
N ARG B 211 20.03 20.88 -22.19
CA ARG B 211 19.62 20.32 -20.90
C ARG B 211 18.19 20.74 -20.67
N ALA B 212 17.52 20.11 -19.72
CA ALA B 212 16.21 20.58 -19.23
C ALA B 212 15.01 20.33 -20.17
N ALA B 213 15.28 20.12 -21.46
CA ALA B 213 14.24 19.66 -22.39
C ALA B 213 13.99 18.10 -22.34
N GLN B 214 13.66 17.61 -21.15
CA GLN B 214 13.34 16.18 -20.98
C GLN B 214 11.89 15.84 -21.37
N GLU B 215 11.60 14.55 -21.47
CA GLU B 215 10.27 14.10 -21.75
C GLU B 215 9.94 13.01 -20.71
N VAL B 216 10.95 12.57 -19.97
CA VAL B 216 10.75 11.46 -19.05
C VAL B 216 10.94 11.85 -17.59
N ARG B 217 10.14 11.20 -16.74
CA ARG B 217 10.07 11.46 -15.31
C ARG B 217 10.20 10.17 -14.54
N THR B 218 11.01 10.19 -13.49
CA THR B 218 10.97 9.11 -12.50
C THR B 218 10.06 9.43 -11.29
N SER B 219 9.37 8.43 -10.79
CA SER B 219 8.53 8.69 -9.67
C SER B 219 8.47 7.47 -8.78
N TYR B 220 8.12 7.68 -7.51
CA TYR B 220 8.00 6.61 -6.57
C TYR B 220 6.65 6.00 -6.91
N ALA B 221 6.57 4.67 -7.05
CA ALA B 221 5.33 3.96 -7.41
C ALA B 221 4.74 3.31 -6.20
N ARG B 222 3.69 3.92 -5.72
CA ARG B 222 3.02 3.48 -4.57
C ARG B 222 2.46 2.05 -4.79
N GLN B 223 2.21 1.67 -6.03
CA GLN B 223 1.64 0.38 -6.33
C GLN B 223 2.57 -0.80 -6.00
N PHE B 224 3.87 -0.59 -6.10
CA PHE B 224 4.84 -1.54 -5.64
C PHE B 224 4.60 -1.94 -4.21
N GLU B 225 4.41 -0.92 -3.37
CA GLU B 225 4.13 -1.14 -1.95
C GLU B 225 2.80 -1.85 -1.74
N THR B 226 1.77 -1.42 -2.48
CA THR B 226 0.51 -2.11 -2.29
C THR B 226 0.58 -3.53 -2.83
N MET B 227 1.40 -3.75 -3.87
CA MET B 227 1.60 -5.09 -4.38
C MET B 227 2.31 -6.00 -3.35
N ARG B 228 3.41 -5.53 -2.79
CA ARG B 228 4.03 -6.27 -1.73
C ARG B 228 3.08 -6.54 -0.57
N VAL B 229 2.29 -5.56 -0.20
CA VAL B 229 1.48 -5.80 0.98
C VAL B 229 0.47 -6.86 0.64
N GLY B 230 -0.15 -6.77 -0.54
CA GLY B 230 -1.08 -7.80 -0.95
C GLY B 230 -0.45 -9.19 -0.96
N ARG B 231 0.83 -9.26 -1.24
CA ARG B 231 1.50 -10.53 -1.22
C ARG B 231 2.05 -10.87 0.17
N GLY B 232 1.63 -10.14 1.22
CA GLY B 232 2.03 -10.47 2.59
C GLY B 232 3.52 -10.17 2.88
N ARG B 233 4.13 -9.36 2.03
CA ARG B 233 5.56 -9.03 2.16
C ARG B 233 5.74 -7.76 3.01
N ARG B 234 6.68 -7.87 3.93
CA ARG B 234 7.07 -6.83 4.86
C ARG B 234 8.41 -6.20 4.36
N ALA B 235 8.64 -4.93 4.65
CA ALA B 235 9.91 -4.36 4.25
C ALA B 235 10.62 -3.52 5.34
N TYR B 236 11.94 -3.36 5.24
CA TYR B 236 12.73 -2.59 6.22
C TYR B 236 13.67 -1.67 5.44
N HIS B 237 13.64 -0.38 5.78
CA HIS B 237 14.39 0.60 5.01
C HIS B 237 15.35 1.37 5.89
N THR B 238 16.57 1.63 5.40
CA THR B 238 17.46 2.57 6.07
C THR B 238 17.94 3.55 5.02
N GLY B 239 17.91 4.84 5.34
CA GLY B 239 18.47 5.85 4.46
C GLY B 239 19.52 6.72 5.14
N ALA B 240 20.34 7.40 4.34
CA ALA B 240 21.30 8.30 4.95
C ALA B 240 20.94 9.65 4.43
N VAL B 241 20.73 10.62 5.32
CA VAL B 241 20.51 12.01 4.90
C VAL B 241 21.76 12.85 5.02
N HIS B 242 21.96 13.77 4.11
CA HIS B 242 23.04 14.73 4.22
C HIS B 242 22.47 16.00 4.83
N ASP B 243 22.77 16.19 6.14
CA ASP B 243 22.22 17.32 6.93
C ASP B 243 22.35 18.69 6.25
N ALA B 244 23.48 19.00 5.65
CA ALA B 244 23.58 20.36 5.12
C ALA B 244 22.66 20.67 3.94
N THR B 245 22.40 19.66 3.11
CA THR B 245 21.58 19.87 1.91
C THR B 245 20.22 19.20 2.02
N GLY B 246 20.05 18.38 3.07
CA GLY B 246 18.85 17.50 3.23
C GLY B 246 18.65 16.47 2.11
N ALA B 247 19.64 16.27 1.27
CA ALA B 247 19.45 15.29 0.25
C ALA B 247 19.55 13.87 0.85
N LEU B 248 18.78 12.96 0.29
CA LEU B 248 18.90 11.59 0.66
C LEU B 248 20.15 11.06 -0.04
N ALA B 249 21.21 10.94 0.74
CA ALA B 249 22.51 10.57 0.22
C ALA B 249 22.54 9.10 -0.19
N GLY B 250 21.69 8.27 0.42
CA GLY B 250 21.67 6.85 0.11
C GLY B 250 20.49 6.16 0.77
N TYR B 251 20.16 4.97 0.26
CA TYR B 251 19.23 4.13 0.95
C TYR B 251 19.31 2.66 0.52
N THR B 252 18.63 1.81 1.25
CA THR B 252 18.72 0.41 1.04
C THR B 252 17.45 -0.21 1.60
N SER B 253 17.14 -1.43 1.21
CA SER B 253 16.01 -2.16 1.79
C SER B 253 16.17 -3.68 1.87
N VAL B 254 15.29 -4.28 2.65
CA VAL B 254 15.14 -5.71 2.78
C VAL B 254 13.63 -5.99 2.72
N SER B 255 13.30 -7.05 1.98
CA SER B 255 11.92 -7.49 1.82
C SER B 255 11.80 -8.80 2.55
N LYS B 256 10.68 -9.06 3.18
CA LYS B 256 10.55 -10.33 3.96
C LYS B 256 9.17 -10.89 3.68
N THR B 257 9.05 -12.18 3.35
CA THR B 257 7.70 -12.77 3.07
C THR B 257 7.02 -13.24 4.35
N THR B 258 5.71 -13.46 4.27
CA THR B 258 5.03 -14.12 5.38
C THR B 258 5.61 -15.49 5.75
N GLY B 259 5.85 -16.37 4.79
CA GLY B 259 6.45 -17.67 5.10
C GLY B 259 7.97 -17.63 5.19
N ASN B 260 8.57 -18.72 5.66
CA ASN B 260 10.05 -18.84 5.74
C ASN B 260 10.68 -17.81 6.69
N PRO B 261 10.46 -17.96 7.99
CA PRO B 261 11.08 -16.99 8.93
C PRO B 261 12.59 -16.87 8.83
N ALA B 262 13.25 -17.85 8.23
CA ALA B 262 14.70 -17.89 8.13
C ALA B 262 15.27 -17.21 6.89
N TYR B 263 14.42 -16.81 5.98
CA TYR B 263 14.88 -16.26 4.69
C TYR B 263 14.44 -14.82 4.53
N ALA B 264 15.24 -14.02 3.82
CA ALA B 264 14.84 -12.65 3.59
C ALA B 264 15.59 -12.21 2.39
N LEU B 265 15.16 -11.10 1.82
CA LEU B 265 15.71 -10.69 0.53
C LEU B 265 16.26 -9.31 0.71
N GLN B 266 17.50 -9.10 0.30
CA GLN B 266 18.14 -7.80 0.39
C GLN B 266 18.00 -7.16 -0.94
N GLY B 267 17.33 -6.01 -0.96
CA GLY B 267 17.07 -5.27 -2.19
C GLY B 267 18.24 -4.40 -2.61
N MET B 268 17.99 -3.40 -3.42
CA MET B 268 19.10 -2.62 -3.96
C MET B 268 19.61 -1.60 -2.95
N THR B 269 20.92 -1.43 -2.94
CA THR B 269 21.51 -0.34 -2.19
C THR B 269 21.94 0.74 -3.17
N VAL B 270 21.40 1.94 -3.03
CA VAL B 270 21.76 3.04 -3.92
C VAL B 270 22.44 4.22 -3.18
N VAL B 271 23.58 4.65 -3.68
CA VAL B 271 24.27 5.75 -3.06
C VAL B 271 24.32 6.89 -4.03
N HIS B 272 23.81 8.05 -3.62
CA HIS B 272 23.79 9.24 -4.46
C HIS B 272 25.21 9.57 -4.97
N ARG B 273 25.31 9.86 -6.28
CA ARG B 273 26.59 10.08 -6.93
C ARG B 273 27.42 11.21 -6.27
N GLU B 274 26.77 12.23 -5.69
CA GLU B 274 27.49 13.30 -4.95
C GLU B 274 27.95 12.89 -3.56
N HIS B 275 27.58 11.69 -3.15
CA HIS B 275 27.90 11.25 -1.79
C HIS B 275 28.67 9.93 -1.76
N ARG B 276 29.45 9.71 -2.80
CA ARG B 276 30.29 8.53 -2.88
C ARG B 276 31.54 8.80 -2.04
N GLY B 277 32.25 7.73 -1.72
CA GLY B 277 33.53 7.89 -1.00
C GLY B 277 33.40 8.08 0.50
N HIS B 278 32.19 7.93 1.04
CA HIS B 278 31.97 7.95 2.49
C HIS B 278 31.60 6.59 3.07
N ALA B 279 31.78 5.52 2.31
CA ALA B 279 31.44 4.19 2.82
C ALA B 279 29.97 4.07 3.17
N LEU B 280 29.13 4.83 2.49
CA LEU B 280 27.67 4.63 2.61
C LEU B 280 27.54 3.34 1.87
N GLY B 281 26.55 2.55 2.13
CA GLY B 281 26.56 1.33 1.31
C GLY B 281 26.88 0.26 2.29
N THR B 282 28.15 0.27 2.75
CA THR B 282 28.52 -0.57 3.88
C THR B 282 27.72 -0.23 5.15
N LEU B 283 27.70 1.04 5.54
CA LEU B 283 26.94 1.49 6.69
C LEU B 283 25.48 1.08 6.57
N LEU B 284 24.88 1.47 5.45
CA LEU B 284 23.48 1.27 5.18
C LEU B 284 23.13 -0.20 5.29
N LYS B 285 23.85 -1.09 4.59
CA LYS B 285 23.51 -2.53 4.61
C LYS B 285 23.64 -3.07 6.00
N LEU B 286 24.68 -2.64 6.69
CA LEU B 286 24.87 -3.12 8.04
C LEU B 286 23.80 -2.59 8.99
N ALA B 287 23.47 -1.30 8.90
CA ALA B 287 22.42 -0.70 9.79
C ALA B 287 21.10 -1.35 9.48
N ASN B 288 20.78 -1.50 8.19
CA ASN B 288 19.50 -2.09 7.78
C ASN B 288 19.40 -3.54 8.20
N LEU B 289 20.49 -4.31 8.05
CA LEU B 289 20.45 -5.72 8.51
C LEU B 289 20.12 -5.80 10.00
N GLU B 290 20.82 -5.05 10.79
CA GLU B 290 20.57 -5.07 12.21
C GLU B 290 19.09 -4.71 12.51
N TYR B 291 18.57 -3.70 11.80
CA TYR B 291 17.21 -3.26 11.93
C TYR B 291 16.30 -4.48 11.60
N VAL B 292 16.60 -5.21 10.53
CA VAL B 292 15.89 -6.46 10.24
C VAL B 292 15.99 -7.49 11.34
N LEU B 293 17.19 -7.75 11.86
CA LEU B 293 17.36 -8.85 12.79
C LEU B 293 16.64 -8.53 14.10
N ARG B 294 16.51 -7.26 14.41
CA ARG B 294 15.88 -6.87 15.65
C ARG B 294 14.34 -7.16 15.62
N HIS B 295 13.78 -7.26 14.42
CA HIS B 295 12.36 -7.61 14.21
C HIS B 295 12.06 -9.04 13.70
N GLU B 296 13.05 -9.64 13.07
CA GLU B 296 12.93 -10.91 12.45
C GLU B 296 14.15 -11.69 12.94
N PRO B 297 14.16 -12.06 14.24
CA PRO B 297 15.31 -12.75 14.87
C PRO B 297 15.62 -14.13 14.23
N GLU B 298 14.69 -14.71 13.50
CA GLU B 298 14.94 -16.00 12.96
C GLU B 298 15.62 -15.97 11.63
N VAL B 299 15.74 -14.78 11.04
CA VAL B 299 16.43 -14.65 9.75
C VAL B 299 17.88 -15.17 9.85
N ARG B 300 18.23 -16.13 8.98
CA ARG B 300 19.57 -16.66 8.95
C ARG B 300 20.11 -16.62 7.53
N LEU B 301 19.21 -16.74 6.53
CA LEU B 301 19.66 -16.72 5.13
C LEU B 301 19.15 -15.51 4.31
N VAL B 302 20.07 -14.75 3.74
CA VAL B 302 19.70 -13.53 3.07
C VAL B 302 20.20 -13.63 1.66
N GLU B 303 19.35 -13.35 0.69
CA GLU B 303 19.79 -13.36 -0.69
C GLU B 303 19.78 -11.96 -1.26
N THR B 304 20.55 -11.78 -2.33
CA THR B 304 20.60 -10.53 -3.05
C THR B 304 21.13 -10.80 -4.47
N ALA B 305 21.00 -9.84 -5.38
CA ALA B 305 21.47 -9.99 -6.75
C ALA B 305 21.99 -8.65 -7.27
N ASN B 306 23.17 -8.68 -7.89
CA ASN B 306 23.79 -7.52 -8.57
C ASN B 306 24.12 -7.84 -10.01
N ALA B 307 23.98 -6.84 -10.83
CA ALA B 307 24.44 -6.96 -12.18
C ALA B 307 25.96 -7.21 -12.09
N GLU B 308 26.47 -8.17 -12.86
CA GLU B 308 27.86 -8.61 -12.68
C GLU B 308 28.90 -7.47 -12.91
N ASP B 309 28.46 -6.34 -13.44
CA ASP B 309 29.37 -5.21 -13.67
C ASP B 309 29.32 -4.09 -12.60
N ASN B 310 28.43 -4.22 -11.63
CA ASN B 310 28.39 -3.28 -10.53
C ASN B 310 29.44 -3.66 -9.48
N HIS B 311 30.72 -3.47 -9.81
CA HIS B 311 31.78 -3.95 -8.92
C HIS B 311 31.77 -3.33 -7.52
N PRO B 312 31.46 -2.01 -7.44
CA PRO B 312 31.42 -1.33 -6.14
C PRO B 312 30.50 -2.05 -5.12
N MET B 313 29.27 -2.41 -5.50
CA MET B 313 28.35 -3.05 -4.56
C MET B 313 28.69 -4.51 -4.34
N ILE B 314 29.29 -5.12 -5.35
CA ILE B 314 29.77 -6.49 -5.16
C ILE B 314 30.87 -6.46 -4.08
N ALA B 315 31.85 -5.60 -4.25
CA ALA B 315 32.85 -5.42 -3.21
C ALA B 315 32.17 -5.26 -1.84
N VAL B 316 31.22 -4.32 -1.74
CA VAL B 316 30.46 -4.19 -0.47
C VAL B 316 29.78 -5.43 0.01
N ASN B 317 29.09 -6.12 -0.87
CA ASN B 317 28.41 -7.36 -0.46
C ASN B 317 29.41 -8.46 -0.09
N ALA B 318 30.54 -8.53 -0.78
CA ALA B 318 31.52 -9.57 -0.45
C ALA B 318 32.09 -9.29 0.94
N ALA B 319 32.46 -8.03 1.21
CA ALA B 319 32.95 -7.68 2.57
C ALA B 319 31.97 -8.13 3.63
N LEU B 320 30.69 -8.25 3.27
CA LEU B 320 29.73 -8.51 4.30
C LEU B 320 29.53 -9.98 4.50
N GLY B 321 30.09 -10.79 3.60
CA GLY B 321 29.95 -12.23 3.74
C GLY B 321 29.07 -12.87 2.67
N PHE B 322 28.49 -12.05 1.80
CA PHE B 322 27.66 -12.61 0.73
C PHE B 322 28.55 -13.46 -0.19
N GLU B 323 28.10 -14.65 -0.61
CA GLU B 323 28.89 -15.47 -1.51
C GLU B 323 28.13 -15.72 -2.80
N PRO B 324 28.80 -15.49 -3.95
CA PRO B 324 28.11 -15.73 -5.23
C PRO B 324 27.71 -17.21 -5.27
N TYR B 325 26.44 -17.49 -5.49
CA TYR B 325 25.99 -18.87 -5.67
C TYR B 325 25.66 -19.28 -7.13
N ASP B 326 24.92 -18.44 -7.87
CA ASP B 326 24.50 -18.85 -9.21
C ASP B 326 24.27 -17.62 -10.03
N ARG B 327 23.94 -17.80 -11.30
CA ARG B 327 24.01 -16.70 -12.23
C ARG B 327 22.69 -16.52 -12.90
N TRP B 328 22.26 -15.27 -13.07
CA TRP B 328 20.94 -15.02 -13.65
C TRP B 328 21.05 -14.47 -15.06
N VAL B 329 20.92 -15.32 -16.08
CA VAL B 329 21.27 -14.89 -17.42
C VAL B 329 20.05 -14.50 -18.27
N PHE B 330 20.12 -13.34 -18.91
CA PHE B 330 18.96 -12.84 -19.64
C PHE B 330 18.91 -13.39 -21.03
N TRP B 331 17.75 -13.94 -21.41
CA TRP B 331 17.60 -14.53 -22.75
C TRP B 331 16.39 -13.90 -23.45
N THR B 332 16.40 -13.98 -24.77
CA THR B 332 15.41 -13.33 -25.62
C THR B 332 15.10 -14.27 -26.81
N ALA B 333 13.85 -14.23 -27.25
CA ALA B 333 13.40 -14.94 -28.45
C ALA B 333 12.35 -14.10 -29.19
N GLU B 334 12.17 -14.42 -30.48
CA GLU B 334 11.08 -13.82 -31.28
C GLU B 334 9.72 -14.54 -31.01
N ALA B 335 8.65 -13.78 -30.85
CA ALA B 335 7.33 -14.32 -30.66
C ALA B 335 7.01 -15.03 -31.94
N GLY B 336 7.68 -14.58 -33.00
CA GLY B 336 7.72 -15.31 -34.30
C GLY B 336 6.61 -14.83 -35.19
N PRO B 337 6.55 -15.32 -36.46
CA PRO B 337 5.62 -14.72 -37.42
C PRO B 337 4.15 -14.91 -36.99
N SER B 338 3.68 -16.15 -37.19
CA SER B 338 2.37 -16.64 -36.76
C SER B 338 2.56 -18.12 -36.44
N1A ACO C . -19.11 28.39 24.12
C2A ACO C . -19.47 29.55 23.61
N3A ACO C . -18.65 30.36 22.93
C4A ACO C . -17.38 30.00 22.72
C5A ACO C . -16.97 28.79 23.23
C6A ACO C . -17.85 27.97 23.94
N6A ACO C . -17.44 26.80 24.42
N7A ACO C . -15.69 28.62 22.93
C8A ACO C . -15.31 29.67 22.21
N9A ACO C . -16.33 30.51 22.08
C1B ACO C . -16.16 31.78 21.34
C2B ACO C . -16.18 33.06 22.17
O2B ACO C . -16.47 34.14 21.29
C3B ACO C . -14.74 33.15 22.56
O3B ACO C . -14.31 34.49 22.72
P3B ACO C . -14.31 35.09 24.20
O7A ACO C . -13.69 36.59 24.43
O8A ACO C . -15.41 34.51 25.12
O9A ACO C . -15.52 35.84 23.72
C4B ACO C . -14.00 32.74 21.27
O4B ACO C . -14.85 31.77 20.62
C5B ACO C . -12.91 32.26 22.27
O5B ACO C . -12.07 31.49 21.68
P1A ACO C . -10.77 31.11 22.37
O1A ACO C . -9.63 31.51 21.31
O2A ACO C . -10.54 31.55 23.80
O3A ACO C . -11.14 29.61 22.53
P2A ACO C . -10.49 28.22 22.81
O4A ACO C . -11.24 27.76 24.10
O5A ACO C . -9.01 28.20 23.06
O6A ACO C . -11.16 27.36 21.57
CBP ACO C . -12.37 25.43 20.69
CCP ACO C . -11.00 26.00 21.11
CDP ACO C . -12.97 26.81 20.95
CEP ACO C . -11.80 25.22 19.33
CAP ACO C . -12.21 24.39 21.82
OAP ACO C . -13.49 24.16 22.32
C9P ACO C . -11.72 23.04 21.27
O9P ACO C . -10.52 22.80 21.18
N8P ACO C . -12.65 22.10 21.12
C7P ACO C . -12.35 20.75 20.59
C6P ACO C . -11.81 21.00 19.19
C5P ACO C . -12.81 21.60 18.20
O5P ACO C . -13.99 21.32 18.21
N4P ACO C . -12.28 22.42 17.34
C3P ACO C . -13.06 22.90 16.22
C2P ACO C . -13.17 24.41 16.22
S1P ACO C . -14.16 24.70 14.75
C ACO C . -12.96 25.36 13.74
O ACO C . -11.78 25.18 14.04
CH3 ACO C . -13.44 26.18 12.54
C1 GOL D . -10.41 20.16 14.49
O1 GOL D . -10.28 19.44 15.70
C2 GOL D . -11.76 20.10 13.70
O2 GOL D . -11.96 18.79 13.26
C3 GOL D . -11.65 21.10 12.52
O3 GOL D . -12.21 20.75 11.25
N1A ACO E . 19.20 -31.25 -20.15
C2A ACO E . 19.57 -31.12 -21.41
N3A ACO E . 18.70 -30.74 -22.35
C4A ACO E . 17.43 -30.46 -22.07
C5A ACO E . 17.05 -30.56 -20.75
C6A ACO E . 17.95 -30.96 -19.78
N6A ACO E . 17.58 -31.04 -18.51
N7A ACO E . 15.76 -30.25 -20.69
C8A ACO E . 15.35 -29.89 -21.90
N9A ACO E . 16.35 -30.04 -22.75
C1B ACO E . 16.17 -29.73 -24.19
C2B ACO E . 16.16 -30.87 -25.17
O2B ACO E . 16.40 -30.33 -26.46
C3B ACO E . 14.73 -31.30 -25.06
O3B ACO E . 14.16 -31.91 -26.22
P3B ACO E . 14.28 -33.45 -26.55
O7A ACO E . 13.31 -33.93 -27.84
O8A ACO E . 15.57 -34.12 -25.92
O9A ACO E . 15.20 -32.94 -27.66
C4B ACO E . 14.00 -29.97 -25.13
O4B ACO E . 14.88 -29.06 -24.43
C5B ACO E . 12.88 -30.76 -24.38
O5B ACO E . 12.05 -30.00 -23.71
P1A ACO E . 10.75 -30.54 -23.15
O1A ACO E . 9.65 -29.62 -23.74
O2A ACO E . 10.51 -32.05 -23.07
O3A ACO E . 11.20 -30.29 -21.66
P2A ACO E . 10.56 -30.10 -20.25
O4A ACO E . 11.28 -31.24 -19.44
O5A ACO E . 9.09 -30.24 -20.15
O6A ACO E . 11.33 -28.69 -19.85
CBP ACO E . 12.35 -27.26 -18.13
CCP ACO E . 11.10 -27.94 -18.71
CDP ACO E . 13.35 -27.87 -19.16
CEP ACO E . 11.66 -25.96 -18.44
CAP ACO E . 12.12 -28.04 -16.83
OAP ACO E . 13.34 -28.67 -16.45
C9P ACO E . 11.69 -27.08 -15.73
O9P ACO E . 10.49 -26.94 -15.52
N8P ACO E . 12.66 -26.57 -14.98
C7P ACO E . 12.47 -25.62 -13.88
C6P ACO E . 11.89 -24.44 -14.55
C5P ACO E . 12.91 -23.71 -15.36
O5P ACO E . 14.10 -23.64 -15.03
N4P ACO E . 12.36 -23.10 -16.38
C3P ACO E . 13.10 -22.12 -17.15
C2P ACO E . 13.20 -22.57 -18.59
S1P ACO E . 14.13 -21.24 -19.38
C ACO E . 12.86 -20.56 -20.30
O ACO E . 11.70 -20.86 -20.04
CH3 ACO E . 13.27 -19.62 -21.43
C1 GOL F . 12.10 -18.15 -16.48
O1 GOL F . 12.17 -16.74 -16.74
C2 GOL F . 11.25 -18.53 -15.25
O2 GOL F . 11.85 -18.02 -14.10
C3 GOL F . 11.07 -20.05 -15.06
O3 GOL F . 10.13 -20.54 -14.08
#